data_3RT4
#
_entry.id   3RT4
#
_cell.length_a   87.140
_cell.length_b   100.790
_cell.length_c   161.860
_cell.angle_alpha   90.00
_cell.angle_beta   90.00
_cell.angle_gamma   90.00
#
_symmetry.space_group_name_H-M   'I 2 2 2'
#
loop_
_entity.id
_entity.type
_entity.pdbx_description
1 polymer 'Peptidoglycan recognition protein 1'
2 non-polymer '(R)-((2R,3S,4R,5R,6R)-3-HYDROXY-2-(HYDROXYMETHYL)-5-((R)-3-HYDROXYTETRADECANAMIDO)-6-(PHOSPHONOOXY)TETRAHYDRO-2H-PYRAN-4-YL) 3-HYDROXYTETRADECANOATE'
3 non-polymer 'L(+)-TARTARIC ACID'
4 water water
#
_entity_poly.entity_id   1
_entity_poly.type   'polypeptide(L)'
_entity_poly.pdbx_seq_one_letter_code
;EDPPACGSIVPRREWRALASECRERLTRPVRYVVVSHTAGSHCDTPASCAQQAQNVQSYHVRNLGWCDVGYNFLIGEDGL
VYEGRGWNIKGAHAGPTWNPISIGISFMGNYMNRVPPPRALRAAQNLLACGVALGALRSNYEVKGHRDVQPTLSPGDRLY
EIIQTWSHYRA
;
_entity_poly.pdbx_strand_id   A,B,C,D
#
# COMPACT_ATOMS: atom_id res chain seq x y z
N GLU A 1 -14.93 11.58 -1.15
CA GLU A 1 -15.14 13.05 -0.99
C GLU A 1 -14.44 13.81 -2.12
N ASP A 2 -13.34 13.25 -2.61
CA ASP A 2 -12.58 13.79 -3.75
C ASP A 2 -13.29 13.47 -5.08
N PRO A 3 -13.01 14.27 -6.13
CA PRO A 3 -13.65 14.04 -7.45
C PRO A 3 -13.03 13.06 -8.48
N PRO A 4 -11.79 13.34 -8.97
CA PRO A 4 -11.26 12.92 -10.30
C PRO A 4 -11.48 11.48 -10.80
N ALA A 5 -11.39 11.33 -12.13
CA ALA A 5 -11.48 10.04 -12.81
C ALA A 5 -10.24 9.18 -12.55
N CYS A 6 -10.40 7.87 -12.70
CA CYS A 6 -9.33 6.92 -12.47
C CYS A 6 -9.67 5.53 -13.17
N GLY A 7 -8.65 4.91 -13.76
CA GLY A 7 -8.84 3.64 -14.42
C GLY A 7 -9.82 3.72 -15.55
N SER A 8 -10.06 2.60 -16.19
CA SER A 8 -11.00 2.53 -17.28
C SER A 8 -11.79 1.32 -16.92
N ILE A 9 -13.09 1.50 -16.86
CA ILE A 9 -13.91 0.38 -16.54
C ILE A 9 -14.95 0.22 -17.61
N VAL A 10 -15.15 -1.01 -18.07
CA VAL A 10 -16.20 -1.22 -19.05
C VAL A 10 -17.50 -1.16 -18.23
N PRO A 11 -18.33 -0.15 -18.48
CA PRO A 11 -19.58 -0.01 -17.74
C PRO A 11 -20.58 -1.13 -18.08
N ARG A 12 -21.44 -1.42 -17.11
CA ARG A 12 -22.48 -2.41 -17.21
C ARG A 12 -23.20 -2.43 -18.53
N ARG A 13 -23.70 -1.27 -18.95
CA ARG A 13 -24.44 -1.21 -20.19
C ARG A 13 -23.64 -1.62 -21.39
N GLU A 14 -22.33 -1.35 -21.35
CA GLU A 14 -21.48 -1.67 -22.48
C GLU A 14 -21.32 -3.17 -22.64
N TRP A 15 -21.28 -3.92 -21.53
CA TRP A 15 -21.19 -5.36 -21.70
C TRP A 15 -22.57 -6.02 -21.72
N ARG A 16 -23.61 -5.17 -21.76
CA ARG A 16 -25.04 -5.55 -21.83
C ARG A 16 -25.55 -6.29 -20.61
N ALA A 17 -25.12 -5.80 -19.47
CA ALA A 17 -25.51 -6.39 -18.23
C ALA A 17 -26.97 -6.29 -18.01
N LEU A 18 -27.56 -7.33 -17.44
CA LEU A 18 -28.95 -7.23 -17.06
C LEU A 18 -28.90 -6.23 -15.86
N ALA A 19 -29.96 -5.44 -15.70
CA ALA A 19 -30.06 -4.49 -14.59
C ALA A 19 -29.89 -5.25 -13.26
N SER A 20 -29.25 -4.58 -12.30
CA SER A 20 -29.01 -5.09 -10.96
C SER A 20 -30.18 -4.84 -10.03
N GLU A 21 -30.48 -5.87 -9.23
CA GLU A 21 -31.54 -5.80 -8.25
C GLU A 21 -30.92 -5.68 -6.86
N CYS A 22 -29.60 -5.56 -6.77
CA CYS A 22 -28.94 -5.48 -5.47
C CYS A 22 -29.18 -4.14 -4.79
N ARG A 23 -29.34 -4.13 -3.47
CA ARG A 23 -29.57 -2.85 -2.76
C ARG A 23 -28.73 -2.69 -1.48
N GLU A 24 -28.16 -3.79 -0.99
CA GLU A 24 -27.34 -3.77 0.22
C GLU A 24 -25.98 -3.19 -0.04
N ARG A 25 -25.69 -2.10 0.64
CA ARG A 25 -24.44 -1.40 0.47
C ARG A 25 -23.30 -1.89 1.33
N LEU A 26 -22.10 -1.55 0.87
CA LEU A 26 -20.85 -1.84 1.58
C LEU A 26 -20.58 -0.55 2.37
N THR A 27 -19.91 -0.68 3.50
CA THR A 27 -19.58 0.50 4.26
C THR A 27 -18.16 0.92 3.88
N ARG A 28 -18.02 2.14 3.35
CA ARG A 28 -16.71 2.62 2.96
C ARG A 28 -15.97 3.31 4.12
N PRO A 29 -14.64 3.21 4.12
CA PRO A 29 -13.84 2.50 3.13
C PRO A 29 -13.78 1.02 3.42
N VAL A 30 -13.77 0.22 2.35
CA VAL A 30 -13.70 -1.23 2.49
C VAL A 30 -12.24 -1.62 2.74
N ARG A 31 -12.05 -2.54 3.67
CA ARG A 31 -10.72 -2.98 4.05
C ARG A 31 -10.10 -4.10 3.26
N TYR A 32 -10.95 -4.98 2.75
CA TYR A 32 -10.48 -6.16 2.06
C TYR A 32 -10.83 -6.34 0.63
N VAL A 33 -9.88 -6.88 -0.12
CA VAL A 33 -10.14 -7.23 -1.50
C VAL A 33 -9.90 -8.75 -1.64
N VAL A 34 -10.89 -9.45 -2.15
CA VAL A 34 -10.72 -10.89 -2.33
C VAL A 34 -10.65 -11.17 -3.83
N VAL A 35 -9.55 -11.78 -4.26
CA VAL A 35 -9.31 -12.13 -5.64
C VAL A 35 -9.67 -13.56 -5.93
N SER A 36 -10.54 -13.77 -6.90
CA SER A 36 -10.95 -15.11 -7.28
C SER A 36 -10.76 -15.26 -8.76
N HIS A 37 -11.00 -16.47 -9.25
CA HIS A 37 -11.04 -16.64 -10.69
C HIS A 37 -12.46 -17.18 -10.90
N THR A 38 -13.03 -17.00 -12.08
CA THR A 38 -14.39 -17.49 -12.30
C THR A 38 -14.36 -18.98 -12.53
N ALA A 39 -13.19 -19.50 -12.86
CA ALA A 39 -13.02 -20.92 -13.23
C ALA A 39 -13.85 -21.22 -14.50
N GLY A 40 -14.19 -20.16 -15.24
CA GLY A 40 -14.93 -20.23 -16.49
C GLY A 40 -13.99 -20.02 -17.66
N SER A 41 -14.57 -19.84 -18.84
CA SER A 41 -13.80 -19.63 -20.06
C SER A 41 -13.09 -18.30 -19.95
N HIS A 42 -11.96 -18.18 -20.64
CA HIS A 42 -11.26 -16.93 -20.62
C HIS A 42 -11.57 -16.24 -21.96
N CYS A 43 -11.12 -15.01 -22.13
CA CYS A 43 -11.43 -14.27 -23.36
C CYS A 43 -10.34 -13.27 -23.50
N ASP A 44 -10.02 -12.90 -24.73
CA ASP A 44 -8.93 -11.98 -24.87
C ASP A 44 -9.16 -10.84 -25.81
N THR A 45 -10.42 -10.50 -26.05
CA THR A 45 -10.77 -9.37 -26.90
C THR A 45 -11.92 -8.67 -26.20
N PRO A 46 -12.08 -7.36 -26.42
CA PRO A 46 -13.18 -6.68 -25.74
C PRO A 46 -14.54 -7.29 -26.08
N ALA A 47 -14.70 -7.71 -27.33
CA ALA A 47 -15.95 -8.31 -27.77
C ALA A 47 -16.18 -9.63 -27.02
N SER A 48 -15.16 -10.50 -26.95
CA SER A 48 -15.33 -11.78 -26.27
C SER A 48 -15.42 -11.66 -24.76
N CYS A 49 -14.74 -10.68 -24.19
CA CYS A 49 -14.82 -10.48 -22.76
C CYS A 49 -16.13 -9.84 -22.33
N ALA A 50 -16.71 -8.98 -23.15
CA ALA A 50 -18.01 -8.41 -22.78
C ALA A 50 -19.00 -9.59 -22.70
N GLN A 51 -18.89 -10.50 -23.66
CA GLN A 51 -19.76 -11.67 -23.76
C GLN A 51 -19.54 -12.56 -22.53
N GLN A 52 -18.27 -12.76 -22.17
CA GLN A 52 -17.98 -13.58 -20.99
C GLN A 52 -18.55 -12.95 -19.71
N ALA A 53 -18.48 -11.62 -19.57
CA ALA A 53 -19.06 -11.01 -18.37
C ALA A 53 -20.57 -11.24 -18.38
N GLN A 54 -21.18 -11.12 -19.54
CA GLN A 54 -22.62 -11.32 -19.65
C GLN A 54 -22.93 -12.77 -19.24
N ASN A 55 -22.14 -13.73 -19.71
CA ASN A 55 -22.36 -15.14 -19.36
C ASN A 55 -22.22 -15.40 -17.87
N VAL A 56 -21.19 -14.83 -17.25
CA VAL A 56 -21.05 -15.04 -15.82
C VAL A 56 -22.22 -14.44 -15.05
N GLN A 57 -22.66 -13.23 -15.43
CA GLN A 57 -23.77 -12.62 -14.74
C GLN A 57 -25.03 -13.42 -14.97
N SER A 58 -25.15 -13.97 -16.16
CA SER A 58 -26.32 -14.75 -16.55
C SER A 58 -26.42 -15.92 -15.63
N TYR A 59 -25.29 -16.57 -15.39
CA TYR A 59 -25.27 -17.72 -14.52
C TYR A 59 -25.68 -17.35 -13.08
N HIS A 60 -25.04 -16.31 -12.56
CA HIS A 60 -25.34 -15.84 -11.22
C HIS A 60 -26.75 -15.41 -11.03
N VAL A 61 -27.28 -14.67 -11.98
CA VAL A 61 -28.62 -14.14 -11.82
C VAL A 61 -29.69 -15.14 -12.16
N ARG A 62 -29.57 -15.73 -13.33
CA ARG A 62 -30.55 -16.68 -13.79
C ARG A 62 -30.52 -18.05 -13.11
N ASN A 63 -29.34 -18.57 -12.82
CA ASN A 63 -29.27 -19.88 -12.19
C ASN A 63 -29.10 -19.89 -10.69
N LEU A 64 -28.19 -19.06 -10.20
CA LEU A 64 -27.98 -18.98 -8.76
C LEU A 64 -29.04 -18.09 -8.06
N GLY A 65 -29.79 -17.30 -8.83
CA GLY A 65 -30.83 -16.47 -8.23
C GLY A 65 -30.35 -15.23 -7.51
N TRP A 66 -29.12 -14.81 -7.80
CA TRP A 66 -28.59 -13.64 -7.13
C TRP A 66 -29.10 -12.34 -7.74
N CYS A 67 -28.97 -11.25 -7.00
CA CYS A 67 -29.44 -9.97 -7.49
C CYS A 67 -28.60 -9.37 -8.61
N ASP A 68 -27.40 -9.92 -8.83
CA ASP A 68 -26.51 -9.42 -9.89
C ASP A 68 -25.33 -10.34 -9.98
N VAL A 69 -24.47 -10.10 -10.98
CA VAL A 69 -23.25 -10.87 -11.04
C VAL A 69 -22.65 -10.74 -9.62
N GLY A 70 -22.09 -11.83 -9.14
CA GLY A 70 -21.55 -11.84 -7.79
C GLY A 70 -20.38 -10.96 -7.46
N TYR A 71 -19.54 -10.73 -8.45
CA TYR A 71 -18.36 -9.93 -8.27
C TYR A 71 -18.56 -8.46 -8.36
N ASN A 72 -17.72 -7.71 -7.64
CA ASN A 72 -17.79 -6.27 -7.72
C ASN A 72 -17.19 -5.84 -9.04
N PHE A 73 -16.15 -6.55 -9.50
CA PHE A 73 -15.50 -6.28 -10.80
C PHE A 73 -14.93 -7.56 -11.36
N LEU A 74 -14.88 -7.64 -12.69
CA LEU A 74 -14.34 -8.80 -13.36
C LEU A 74 -13.19 -8.29 -14.19
N ILE A 75 -12.20 -9.14 -14.38
CA ILE A 75 -11.02 -8.77 -15.14
C ILE A 75 -10.89 -9.69 -16.32
N GLY A 76 -10.77 -9.13 -17.51
CA GLY A 76 -10.59 -9.97 -18.68
C GLY A 76 -9.16 -10.04 -19.17
N GLU A 77 -8.81 -11.11 -19.89
CA GLU A 77 -7.47 -11.26 -20.45
C GLU A 77 -7.29 -10.25 -21.60
N ASP A 78 -8.33 -9.49 -21.92
CA ASP A 78 -8.23 -8.43 -22.91
C ASP A 78 -7.59 -7.21 -22.22
N GLY A 79 -7.35 -7.31 -20.90
CA GLY A 79 -6.75 -6.20 -20.17
C GLY A 79 -7.73 -5.15 -19.69
N LEU A 80 -9.02 -5.45 -19.79
CA LEU A 80 -10.07 -4.52 -19.37
C LEU A 80 -10.76 -4.98 -18.11
N VAL A 81 -11.25 -4.02 -17.35
CA VAL A 81 -11.99 -4.25 -16.14
C VAL A 81 -13.47 -4.09 -16.51
N TYR A 82 -14.29 -5.04 -16.07
CA TYR A 82 -15.73 -5.08 -16.29
C TYR A 82 -16.44 -4.73 -14.98
N GLU A 83 -17.29 -3.71 -15.01
CA GLU A 83 -18.01 -3.30 -13.81
C GLU A 83 -18.99 -4.39 -13.39
N GLY A 84 -18.86 -4.86 -12.15
CA GLY A 84 -19.79 -5.83 -11.60
C GLY A 84 -20.74 -5.01 -10.69
N ARG A 85 -20.84 -5.38 -9.41
CA ARG A 85 -21.68 -4.68 -8.46
C ARG A 85 -21.04 -3.30 -8.17
N GLY A 86 -19.75 -3.15 -8.45
CA GLY A 86 -19.17 -1.85 -8.23
C GLY A 86 -18.58 -1.66 -6.87
N TRP A 87 -18.20 -0.43 -6.57
CA TRP A 87 -17.57 -0.15 -5.30
C TRP A 87 -18.46 -0.08 -4.10
N ASN A 88 -19.73 0.18 -4.34
CA ASN A 88 -20.66 0.42 -3.25
C ASN A 88 -21.64 -0.62 -2.84
N ILE A 89 -21.68 -1.72 -3.57
CA ILE A 89 -22.70 -2.73 -3.35
C ILE A 89 -22.06 -4.00 -2.91
N LYS A 90 -22.61 -4.59 -1.86
CA LYS A 90 -22.05 -5.80 -1.32
C LYS A 90 -22.22 -6.87 -2.35
N GLY A 91 -21.16 -7.65 -2.58
CA GLY A 91 -21.20 -8.71 -3.57
C GLY A 91 -21.48 -10.10 -3.02
N ALA A 92 -21.36 -11.12 -3.87
CA ALA A 92 -21.64 -12.50 -3.46
C ALA A 92 -20.50 -13.27 -4.06
N HIS A 93 -19.38 -13.35 -3.34
CA HIS A 93 -18.23 -13.99 -3.92
C HIS A 93 -17.33 -14.71 -2.94
N ALA A 94 -17.49 -14.45 -1.65
CA ALA A 94 -16.57 -15.09 -0.72
C ALA A 94 -17.18 -15.59 0.61
N GLY A 95 -18.45 -15.94 0.58
CA GLY A 95 -19.09 -16.42 1.78
C GLY A 95 -19.64 -15.27 2.61
N PRO A 96 -20.54 -15.55 3.58
CA PRO A 96 -21.17 -14.55 4.46
C PRO A 96 -20.29 -13.79 5.44
N THR A 97 -19.14 -14.33 5.77
CA THR A 97 -18.24 -13.60 6.65
C THR A 97 -17.51 -12.54 5.81
N TRP A 98 -17.12 -12.90 4.59
CA TRP A 98 -16.36 -11.98 3.76
C TRP A 98 -17.07 -11.04 2.83
N ASN A 99 -18.19 -11.49 2.28
CA ASN A 99 -18.96 -10.61 1.40
C ASN A 99 -19.25 -9.22 1.99
N PRO A 100 -19.73 -9.12 3.25
CA PRO A 100 -20.03 -7.76 3.71
C PRO A 100 -18.93 -6.76 3.99
N ILE A 101 -17.70 -7.24 3.96
CA ILE A 101 -16.51 -6.47 4.31
C ILE A 101 -15.40 -6.47 3.26
N SER A 102 -15.74 -6.80 2.03
CA SER A 102 -14.73 -6.84 0.99
C SER A 102 -15.25 -6.47 -0.39
N ILE A 103 -14.30 -6.29 -1.28
CA ILE A 103 -14.61 -6.03 -2.68
C ILE A 103 -14.11 -7.30 -3.34
N GLY A 104 -14.97 -7.93 -4.11
CA GLY A 104 -14.52 -9.12 -4.81
C GLY A 104 -14.23 -8.84 -6.28
N ILE A 105 -13.00 -9.15 -6.71
CA ILE A 105 -12.64 -8.98 -8.10
C ILE A 105 -12.28 -10.39 -8.60
N SER A 106 -12.76 -10.71 -9.80
CA SER A 106 -12.59 -12.04 -10.38
C SER A 106 -12.01 -12.00 -11.75
N PHE A 107 -10.99 -12.81 -11.98
CA PHE A 107 -10.37 -12.89 -13.28
C PHE A 107 -11.17 -13.95 -14.04
N MET A 108 -11.61 -13.60 -15.24
CA MET A 108 -12.40 -14.53 -16.02
C MET A 108 -11.52 -15.57 -16.66
N GLY A 109 -11.51 -16.75 -16.06
CA GLY A 109 -10.70 -17.83 -16.58
C GLY A 109 -10.41 -18.84 -15.49
N ASN A 110 -9.66 -19.88 -15.81
CA ASN A 110 -9.28 -20.86 -14.81
C ASN A 110 -7.76 -20.73 -14.70
N TYR A 111 -7.25 -20.28 -13.56
CA TYR A 111 -5.82 -20.10 -13.43
C TYR A 111 -5.05 -21.15 -12.64
N MET A 112 -5.50 -22.38 -12.77
CA MET A 112 -4.84 -23.47 -12.09
C MET A 112 -3.52 -23.78 -12.79
N ASN A 113 -3.54 -23.76 -14.11
CA ASN A 113 -2.37 -24.09 -14.88
C ASN A 113 -1.96 -23.02 -15.88
N ARG A 114 -2.55 -21.85 -15.75
CA ARG A 114 -2.32 -20.74 -16.67
C ARG A 114 -2.27 -19.52 -15.84
N VAL A 115 -1.57 -18.51 -16.23
CA VAL A 115 -1.58 -17.21 -15.57
C VAL A 115 -2.35 -16.22 -16.44
N PRO A 116 -2.93 -15.17 -15.86
CA PRO A 116 -3.58 -14.14 -16.66
C PRO A 116 -2.37 -13.43 -17.23
N PRO A 117 -2.53 -12.78 -18.38
CA PRO A 117 -1.43 -12.05 -19.01
C PRO A 117 -1.18 -10.81 -18.18
N PRO A 118 0.02 -10.21 -18.29
CA PRO A 118 0.39 -9.00 -17.56
C PRO A 118 -0.69 -7.93 -17.75
N ARG A 119 -1.33 -7.82 -18.91
CA ARG A 119 -2.33 -6.76 -19.03
C ARG A 119 -3.52 -6.91 -18.08
N ALA A 120 -3.89 -8.16 -17.78
CA ALA A 120 -5.00 -8.40 -16.87
C ALA A 120 -4.57 -8.05 -15.47
N LEU A 121 -3.32 -8.40 -15.13
CA LEU A 121 -2.80 -8.12 -13.80
C LEU A 121 -2.69 -6.62 -13.61
N ARG A 122 -2.22 -5.89 -14.62
CA ARG A 122 -2.13 -4.43 -14.50
C ARG A 122 -3.49 -3.80 -14.30
N ALA A 123 -4.51 -4.28 -15.02
CA ALA A 123 -5.84 -3.70 -14.91
C ALA A 123 -6.37 -3.86 -13.51
N ALA A 124 -6.18 -5.06 -12.98
CA ALA A 124 -6.62 -5.40 -11.63
C ALA A 124 -6.02 -4.49 -10.58
N GLN A 125 -4.70 -4.38 -10.59
CA GLN A 125 -4.00 -3.55 -9.61
C GLN A 125 -4.33 -2.10 -9.82
N ASN A 126 -4.45 -1.67 -11.06
CA ASN A 126 -4.79 -0.28 -11.30
C ASN A 126 -6.22 -0.02 -10.79
N LEU A 127 -7.10 -1.01 -10.89
CA LEU A 127 -8.45 -0.86 -10.40
C LEU A 127 -8.42 -0.61 -8.87
N LEU A 128 -7.58 -1.37 -8.15
CA LEU A 128 -7.49 -1.23 -6.71
C LEU A 128 -6.97 0.16 -6.34
N ALA A 129 -5.91 0.61 -7.02
CA ALA A 129 -5.38 1.94 -6.76
C ALA A 129 -6.51 2.97 -6.97
N CYS A 130 -7.36 2.82 -8.00
CA CYS A 130 -8.48 3.75 -8.19
C CYS A 130 -9.45 3.67 -7.03
N GLY A 131 -9.64 2.46 -6.51
CA GLY A 131 -10.52 2.25 -5.39
C GLY A 131 -10.07 3.10 -4.21
N VAL A 132 -8.78 3.09 -3.95
CA VAL A 132 -8.22 3.89 -2.87
C VAL A 132 -8.47 5.35 -3.15
N ALA A 133 -8.16 5.80 -4.36
CA ALA A 133 -8.34 7.20 -4.72
C ALA A 133 -9.77 7.65 -4.49
N LEU A 134 -10.69 6.77 -4.78
CA LEU A 134 -12.09 7.09 -4.62
C LEU A 134 -12.55 7.01 -3.17
N GLY A 135 -11.71 6.47 -2.28
CA GLY A 135 -12.15 6.30 -0.90
C GLY A 135 -13.05 5.07 -0.73
N ALA A 136 -13.18 4.27 -1.80
CA ALA A 136 -13.98 3.05 -1.76
C ALA A 136 -13.21 1.97 -0.97
N LEU A 137 -11.88 1.98 -1.13
CA LEU A 137 -10.99 1.05 -0.43
C LEU A 137 -10.15 1.86 0.53
N ARG A 138 -9.74 1.21 1.62
CA ARG A 138 -8.88 1.86 2.61
C ARG A 138 -7.51 2.04 1.95
N SER A 139 -6.76 3.08 2.33
CA SER A 139 -5.43 3.26 1.76
C SER A 139 -4.59 2.02 2.14
N ASN A 140 -4.87 1.43 3.30
CA ASN A 140 -4.17 0.23 3.69
C ASN A 140 -5.01 -1.04 3.49
N TYR A 141 -5.73 -1.15 2.37
CA TYR A 141 -6.53 -2.37 2.16
C TYR A 141 -5.56 -3.56 2.04
N GLU A 142 -6.14 -4.73 2.23
CA GLU A 142 -5.44 -6.00 2.15
C GLU A 142 -6.10 -6.87 1.08
N VAL A 143 -5.25 -7.48 0.28
CA VAL A 143 -5.73 -8.34 -0.77
C VAL A 143 -5.55 -9.76 -0.36
N LYS A 144 -6.59 -10.56 -0.52
CA LYS A 144 -6.47 -11.98 -0.19
C LYS A 144 -6.90 -12.81 -1.37
N GLY A 145 -6.40 -14.04 -1.43
CA GLY A 145 -6.83 -14.95 -2.45
C GLY A 145 -8.15 -15.58 -1.95
N HIS A 146 -9.02 -15.91 -2.87
CA HIS A 146 -10.27 -16.52 -2.50
C HIS A 146 -9.94 -17.71 -1.55
N ARG A 147 -8.91 -18.50 -1.87
CA ARG A 147 -8.56 -19.66 -1.05
C ARG A 147 -8.09 -19.29 0.37
N ASP A 148 -7.79 -18.01 0.60
CA ASP A 148 -7.37 -17.62 1.94
C ASP A 148 -8.58 -17.44 2.89
N VAL A 149 -9.79 -17.37 2.33
CA VAL A 149 -11.01 -17.17 3.13
C VAL A 149 -12.08 -18.26 2.97
N GLN A 150 -11.93 -19.10 1.95
CA GLN A 150 -12.84 -20.23 1.69
C GLN A 150 -12.03 -21.36 1.14
N PRO A 151 -12.43 -22.61 1.43
CA PRO A 151 -11.72 -23.78 0.89
C PRO A 151 -12.09 -23.80 -0.60
N THR A 152 -11.12 -23.54 -1.46
CA THR A 152 -11.38 -23.52 -2.89
C THR A 152 -10.05 -23.44 -3.59
N LEU A 153 -10.03 -23.89 -4.83
CA LEU A 153 -8.83 -23.77 -5.62
C LEU A 153 -8.75 -22.31 -6.07
N SER A 154 -9.86 -21.57 -6.09
CA SER A 154 -9.83 -20.18 -6.58
C SER A 154 -8.80 -19.39 -5.80
N PRO A 155 -8.11 -18.43 -6.43
CA PRO A 155 -8.17 -17.99 -7.82
C PRO A 155 -7.30 -18.81 -8.77
N GLY A 156 -6.99 -20.06 -8.42
CA GLY A 156 -6.16 -20.87 -9.29
C GLY A 156 -4.72 -20.82 -8.82
N ASP A 157 -4.05 -21.95 -8.76
CA ASP A 157 -2.67 -21.96 -8.27
C ASP A 157 -1.75 -20.91 -8.85
N ARG A 158 -1.78 -20.78 -10.17
CA ARG A 158 -0.87 -19.87 -10.82
C ARG A 158 -1.11 -18.43 -10.49
N LEU A 159 -2.38 -18.05 -10.46
CA LEU A 159 -2.76 -16.66 -10.16
C LEU A 159 -2.56 -16.35 -8.68
N TYR A 160 -2.82 -17.34 -7.84
CA TYR A 160 -2.66 -17.14 -6.43
C TYR A 160 -1.20 -16.82 -6.15
N GLU A 161 -0.30 -17.57 -6.80
CA GLU A 161 1.11 -17.34 -6.59
C GLU A 161 1.49 -15.93 -6.93
N ILE A 162 0.87 -15.40 -7.97
CA ILE A 162 1.16 -14.04 -8.39
C ILE A 162 0.58 -13.03 -7.39
N ILE A 163 -0.66 -13.22 -6.95
CA ILE A 163 -1.16 -12.19 -6.05
C ILE A 163 -0.41 -12.17 -4.73
N GLN A 164 0.19 -13.29 -4.36
CA GLN A 164 0.98 -13.36 -3.13
C GLN A 164 2.10 -12.31 -3.15
N THR A 165 2.54 -11.94 -4.35
CA THR A 165 3.60 -10.95 -4.51
C THR A 165 3.06 -9.51 -4.53
N TRP A 166 1.74 -9.31 -4.55
CA TRP A 166 1.27 -7.94 -4.56
C TRP A 166 1.51 -7.20 -3.26
N SER A 167 1.79 -5.93 -3.42
CA SER A 167 2.00 -5.01 -2.32
C SER A 167 1.07 -5.19 -1.14
N HIS A 168 -0.23 -5.20 -1.42
CA HIS A 168 -1.22 -5.27 -0.35
C HIS A 168 -1.67 -6.65 0.08
N TYR A 169 -1.02 -7.67 -0.44
CA TYR A 169 -1.37 -9.02 -0.07
C TYR A 169 -0.99 -9.37 1.37
N ARG A 170 -1.97 -9.85 2.13
CA ARG A 170 -1.81 -10.34 3.51
C ARG A 170 -2.70 -11.58 3.48
N ALA A 171 -2.12 -12.77 3.56
CA ALA A 171 -2.92 -13.99 3.55
C ALA A 171 -4.05 -13.85 4.57
N GLU B 1 6.01 -7.56 -5.26
CA GLU B 1 7.18 -6.69 -4.99
C GLU B 1 6.84 -5.18 -5.04
N ASP B 2 6.67 -4.60 -6.24
CA ASP B 2 6.34 -3.18 -6.39
C ASP B 2 5.15 -2.98 -7.34
N PRO B 3 4.26 -2.00 -7.03
CA PRO B 3 3.08 -1.79 -7.88
C PRO B 3 3.20 -1.24 -9.31
N PRO B 4 2.47 -1.88 -10.29
CA PRO B 4 2.54 -1.38 -11.67
C PRO B 4 1.89 0.00 -11.64
N ALA B 5 2.55 1.00 -12.24
CA ALA B 5 2.05 2.36 -12.26
C ALA B 5 0.71 2.50 -12.96
N CYS B 6 0.01 3.57 -12.65
CA CYS B 6 -1.32 3.83 -13.21
C CYS B 6 -1.41 3.84 -14.73
N GLY B 7 -2.64 3.80 -15.20
CA GLY B 7 -2.92 3.85 -16.62
C GLY B 7 -2.97 2.57 -17.42
N SER B 8 -2.70 1.42 -16.78
CA SER B 8 -2.70 0.08 -17.42
C SER B 8 -2.09 0.18 -18.81
N ILE B 9 -0.90 0.72 -18.85
CA ILE B 9 -0.21 0.94 -20.08
C ILE B 9 0.51 -0.30 -20.51
N VAL B 10 0.39 -0.64 -21.79
CA VAL B 10 1.09 -1.78 -22.33
C VAL B 10 2.55 -1.30 -22.48
N PRO B 11 3.48 -1.90 -21.72
CA PRO B 11 4.89 -1.48 -21.82
C PRO B 11 5.50 -1.70 -23.19
N ARG B 12 6.47 -0.89 -23.52
CA ARG B 12 7.03 -1.06 -24.83
C ARG B 12 7.56 -2.46 -25.11
N ARG B 13 8.17 -3.15 -24.15
CA ARG B 13 8.66 -4.49 -24.45
C ARG B 13 7.50 -5.46 -24.75
N GLU B 14 6.36 -5.23 -24.11
CA GLU B 14 5.20 -6.09 -24.34
C GLU B 14 4.70 -5.99 -25.78
N TRP B 15 4.77 -4.80 -26.40
CA TRP B 15 4.39 -4.71 -27.80
C TRP B 15 5.59 -4.91 -28.76
N ARG B 16 6.72 -5.36 -28.19
CA ARG B 16 7.93 -5.69 -28.93
C ARG B 16 8.56 -4.53 -29.61
N ALA B 17 8.59 -3.44 -28.89
CA ALA B 17 9.15 -2.24 -29.44
C ALA B 17 10.62 -2.30 -29.71
N LEU B 18 11.06 -1.70 -30.80
CA LEU B 18 12.49 -1.55 -31.03
C LEU B 18 12.93 -0.60 -29.86
N ALA B 19 14.16 -0.76 -29.37
CA ALA B 19 14.72 0.09 -28.32
C ALA B 19 14.76 1.52 -28.82
N SER B 20 14.45 2.43 -27.92
CA SER B 20 14.47 3.85 -28.20
C SER B 20 15.89 4.39 -28.15
N GLU B 21 16.17 5.41 -28.95
CA GLU B 21 17.47 6.05 -28.86
C GLU B 21 17.20 7.50 -28.47
N CYS B 22 15.96 7.82 -28.08
CA CYS B 22 15.62 9.19 -27.68
C CYS B 22 16.22 9.52 -26.33
N ARG B 23 16.60 10.79 -26.20
CA ARG B 23 17.27 11.30 -25.02
C ARG B 23 16.69 12.55 -24.39
N GLU B 24 16.02 13.35 -25.19
CA GLU B 24 15.54 14.62 -24.70
C GLU B 24 14.47 14.50 -23.68
N ARG B 25 14.69 15.09 -22.52
CA ARG B 25 13.70 14.97 -21.47
C ARG B 25 12.74 16.12 -21.44
N LEU B 26 11.51 15.84 -21.05
CA LEU B 26 10.48 16.86 -20.91
C LEU B 26 10.61 17.42 -19.50
N THR B 27 10.20 18.66 -19.30
CA THR B 27 10.24 19.28 -17.98
C THR B 27 8.83 19.11 -17.39
N ARG B 28 8.73 18.34 -16.32
CA ARG B 28 7.44 18.11 -15.70
C ARG B 28 7.23 19.16 -14.60
N PRO B 29 5.96 19.48 -14.26
CA PRO B 29 4.73 18.93 -14.79
C PRO B 29 4.41 19.57 -16.12
N VAL B 30 4.22 18.72 -17.12
CA VAL B 30 3.93 19.16 -18.46
C VAL B 30 2.55 19.82 -18.52
N ARG B 31 2.48 20.96 -19.20
CA ARG B 31 1.24 21.71 -19.31
C ARG B 31 0.23 21.22 -20.31
N TYR B 32 0.71 20.75 -21.44
CA TYR B 32 -0.20 20.36 -22.50
C TYR B 32 -0.28 18.92 -22.93
N VAL B 33 -1.40 18.57 -23.56
CA VAL B 33 -1.57 17.23 -24.12
C VAL B 33 -2.08 17.50 -25.55
N VAL B 34 -1.46 16.88 -26.56
CA VAL B 34 -1.93 17.10 -27.92
C VAL B 34 -2.44 15.75 -28.39
N VAL B 35 -3.66 15.73 -28.89
CA VAL B 35 -4.27 14.51 -29.32
C VAL B 35 -4.23 14.42 -30.83
N SER B 36 -3.70 13.32 -31.33
CA SER B 36 -3.60 13.10 -32.77
C SER B 36 -4.17 11.76 -33.11
N HIS B 37 -4.30 11.51 -34.41
CA HIS B 37 -4.67 10.19 -34.81
C HIS B 37 -3.47 9.75 -35.67
N THR B 38 -3.26 8.45 -35.81
CA THR B 38 -2.11 8.04 -36.58
C THR B 38 -2.40 8.11 -38.06
N ALA B 39 -3.69 8.21 -38.40
CA ALA B 39 -4.22 8.19 -39.79
C ALA B 39 -3.84 6.85 -40.41
N GLY B 40 -3.62 5.84 -39.59
CA GLY B 40 -3.22 4.54 -40.12
C GLY B 40 -4.22 3.46 -39.84
N SER B 41 -3.86 2.19 -39.95
CA SER B 41 -4.86 1.16 -39.69
C SER B 41 -5.27 1.14 -38.22
N HIS B 42 -6.51 0.77 -37.96
CA HIS B 42 -6.90 0.64 -36.58
C HIS B 42 -6.82 -0.85 -36.16
N CYS B 43 -7.09 -1.12 -34.89
CA CYS B 43 -6.99 -2.48 -34.37
C CYS B 43 -7.91 -2.60 -33.17
N ASP B 44 -8.46 -3.78 -32.94
CA ASP B 44 -9.37 -3.87 -31.83
C ASP B 44 -9.18 -4.98 -30.85
N THR B 45 -7.96 -5.50 -30.82
CA THR B 45 -7.62 -6.57 -29.89
C THR B 45 -6.19 -6.33 -29.40
N PRO B 46 -5.86 -6.81 -28.20
CA PRO B 46 -4.48 -6.61 -27.72
C PRO B 46 -3.45 -7.10 -28.76
N ALA B 47 -3.68 -8.28 -29.32
CA ALA B 47 -2.70 -8.79 -30.28
C ALA B 47 -2.54 -7.93 -31.53
N SER B 48 -3.64 -7.43 -32.09
CA SER B 48 -3.59 -6.63 -33.31
C SER B 48 -3.09 -5.23 -32.99
N CYS B 49 -3.41 -4.73 -31.81
CA CYS B 49 -2.93 -3.40 -31.47
C CYS B 49 -1.46 -3.38 -31.09
N ALA B 50 -0.95 -4.45 -30.48
CA ALA B 50 0.47 -4.48 -30.19
C ALA B 50 1.14 -4.48 -31.57
N GLN B 51 0.61 -5.24 -32.55
CA GLN B 51 1.23 -5.25 -33.87
C GLN B 51 1.15 -3.87 -34.53
N GLN B 52 0.03 -3.18 -34.33
CA GLN B 52 -0.11 -1.86 -34.93
C GLN B 52 0.88 -0.86 -34.34
N ALA B 53 1.11 -0.96 -33.03
CA ALA B 53 2.08 -0.08 -32.35
C ALA B 53 3.43 -0.37 -32.96
N GLN B 54 3.74 -1.65 -33.14
CA GLN B 54 4.99 -2.03 -33.72
C GLN B 54 5.12 -1.45 -35.13
N ASN B 55 4.01 -1.47 -35.88
CA ASN B 55 4.06 -0.99 -37.25
C ASN B 55 4.29 0.51 -37.32
N VAL B 56 3.60 1.24 -36.46
CA VAL B 56 3.74 2.68 -36.42
C VAL B 56 5.19 3.05 -36.05
N GLN B 57 5.73 2.40 -35.03
CA GLN B 57 7.10 2.66 -34.63
C GLN B 57 8.06 2.29 -35.74
N SER B 58 7.81 1.18 -36.43
CA SER B 58 8.71 0.76 -37.51
C SER B 58 8.81 1.85 -38.56
N TYR B 59 7.67 2.43 -38.91
CA TYR B 59 7.69 3.47 -39.88
C TYR B 59 8.49 4.70 -39.39
N HIS B 60 8.29 5.12 -38.15
CA HIS B 60 9.02 6.29 -37.68
C HIS B 60 10.51 6.10 -37.56
N VAL B 61 10.87 4.92 -37.09
CA VAL B 61 12.25 4.61 -36.86
C VAL B 61 12.94 4.19 -38.13
N ARG B 62 12.41 3.17 -38.76
CA ARG B 62 13.03 2.70 -39.98
C ARG B 62 12.98 3.61 -41.16
N ASN B 63 11.83 4.24 -41.37
CA ASN B 63 11.67 5.07 -42.54
C ASN B 63 11.92 6.51 -42.33
N LEU B 64 11.36 7.10 -41.28
CA LEU B 64 11.59 8.52 -41.06
C LEU B 64 12.91 8.79 -40.36
N GLY B 65 13.52 7.75 -39.82
CA GLY B 65 14.80 7.90 -39.15
C GLY B 65 14.76 8.46 -37.75
N TRP B 66 13.59 8.45 -37.12
CA TRP B 66 13.47 8.98 -35.76
C TRP B 66 14.00 8.07 -34.64
N CYS B 67 14.29 8.64 -33.48
CA CYS B 67 14.87 7.86 -32.37
C CYS B 67 13.91 6.89 -31.72
N ASP B 68 12.62 7.06 -32.04
CA ASP B 68 11.56 6.20 -31.52
C ASP B 68 10.23 6.62 -32.16
N VAL B 69 9.19 5.82 -31.91
CA VAL B 69 7.86 6.17 -32.39
C VAL B 69 7.69 7.63 -31.87
N GLY B 70 7.03 8.48 -32.63
CA GLY B 70 6.99 9.87 -32.19
C GLY B 70 6.10 10.26 -31.07
N TYR B 71 5.11 9.42 -30.84
CA TYR B 71 4.12 9.67 -29.81
C TYR B 71 4.50 9.30 -28.44
N ASN B 72 4.00 10.03 -27.44
CA ASN B 72 4.33 9.66 -26.10
C ASN B 72 3.56 8.40 -25.73
N PHE B 73 2.32 8.32 -26.21
CA PHE B 73 1.49 7.17 -25.98
C PHE B 73 0.56 6.97 -27.17
N LEU B 74 0.21 5.72 -27.44
CA LEU B 74 -0.75 5.39 -28.50
C LEU B 74 -1.99 4.75 -27.85
N ILE B 75 -3.15 4.98 -28.44
CA ILE B 75 -4.40 4.43 -27.93
C ILE B 75 -5.03 3.51 -28.97
N GLY B 76 -5.29 2.29 -28.54
CA GLY B 76 -5.88 1.34 -29.43
C GLY B 76 -7.37 1.19 -29.25
N GLU B 77 -8.05 0.70 -30.28
CA GLU B 77 -9.48 0.47 -30.19
C GLU B 77 -9.76 -0.75 -29.31
N ASP B 78 -8.70 -1.42 -28.87
CA ASP B 78 -8.85 -2.53 -27.92
C ASP B 78 -9.04 -1.92 -26.51
N GLY B 79 -9.06 -0.57 -26.39
CA GLY B 79 -9.23 0.02 -25.07
C GLY B 79 -7.95 0.06 -24.24
N LEU B 80 -6.80 -0.16 -24.85
CA LEU B 80 -5.54 -0.12 -24.10
C LEU B 80 -4.64 0.98 -24.62
N VAL B 81 -3.77 1.48 -23.74
CA VAL B 81 -2.81 2.50 -24.06
C VAL B 81 -1.50 1.77 -24.22
N TYR B 82 -0.76 2.15 -25.27
CA TYR B 82 0.55 1.63 -25.66
C TYR B 82 1.62 2.66 -25.33
N GLU B 83 2.63 2.22 -24.59
CA GLU B 83 3.71 3.10 -24.17
C GLU B 83 4.51 3.50 -25.39
N GLY B 84 4.67 4.79 -25.65
CA GLY B 84 5.49 5.19 -26.77
C GLY B 84 6.73 5.73 -26.09
N ARG B 85 7.02 7.02 -26.29
CA ARG B 85 8.15 7.61 -25.63
C ARG B 85 7.91 7.79 -24.12
N GLY B 86 6.65 7.74 -23.69
CA GLY B 86 6.35 7.84 -22.28
C GLY B 86 6.19 9.22 -21.69
N TRP B 87 6.16 9.30 -20.37
CA TRP B 87 5.96 10.57 -19.70
C TRP B 87 7.11 11.54 -19.63
N ASN B 88 8.32 11.02 -19.74
CA ASN B 88 9.53 11.81 -19.55
C ASN B 88 10.38 12.22 -20.70
N ILE B 89 10.11 11.61 -21.83
CA ILE B 89 10.90 11.88 -23.02
C ILE B 89 10.13 12.69 -24.05
N LYS B 90 10.77 13.73 -24.56
CA LYS B 90 10.13 14.57 -25.56
C LYS B 90 9.73 13.78 -26.82
N GLY B 91 8.51 13.97 -27.28
CA GLY B 91 8.09 13.25 -28.45
C GLY B 91 8.28 14.08 -29.71
N ALA B 92 7.90 13.48 -30.82
CA ALA B 92 7.96 14.14 -32.12
C ALA B 92 6.59 13.95 -32.75
N HIS B 93 5.63 14.75 -32.33
CA HIS B 93 4.29 14.57 -32.85
C HIS B 93 3.51 15.85 -33.12
N ALA B 94 4.01 17.00 -32.67
CA ALA B 94 3.26 18.25 -32.82
C ALA B 94 4.10 19.43 -33.23
N GLY B 95 5.26 19.17 -33.79
CA GLY B 95 6.13 20.22 -34.21
C GLY B 95 7.03 20.78 -33.12
N PRO B 96 7.99 21.62 -33.55
CA PRO B 96 8.97 22.25 -32.65
C PRO B 96 8.48 23.12 -31.51
N THR B 97 7.33 23.75 -31.65
CA THR B 97 6.82 24.57 -30.56
C THR B 97 6.16 23.70 -29.50
N TRP B 98 5.40 22.71 -29.96
CA TRP B 98 4.65 21.88 -29.05
C TRP B 98 5.30 20.65 -28.49
N ASN B 99 6.24 20.08 -29.24
CA ASN B 99 6.88 18.87 -28.77
C ASN B 99 7.50 19.03 -27.38
N PRO B 100 8.24 20.13 -27.13
CA PRO B 100 8.85 20.31 -25.82
C PRO B 100 7.92 20.62 -24.67
N ILE B 101 6.66 20.90 -24.95
CA ILE B 101 5.77 21.28 -23.87
C ILE B 101 4.51 20.46 -23.71
N SER B 102 4.48 19.29 -24.32
CA SER B 102 3.29 18.48 -24.24
C SER B 102 3.59 17.03 -24.25
N ILE B 103 2.54 16.27 -24.03
CA ILE B 103 2.56 14.83 -24.08
C ILE B 103 1.69 14.56 -25.30
N GLY B 104 2.20 13.83 -26.29
CA GLY B 104 1.38 13.59 -27.45
C GLY B 104 0.79 12.21 -27.40
N ILE B 105 -0.54 12.11 -27.45
CA ILE B 105 -1.19 10.82 -27.46
C ILE B 105 -1.87 10.68 -28.81
N SER B 106 -1.76 9.50 -29.39
CA SER B 106 -2.30 9.29 -30.71
C SER B 106 -3.18 8.07 -30.79
N PHE B 107 -4.40 8.29 -31.28
CA PHE B 107 -5.34 7.20 -31.48
C PHE B 107 -4.96 6.44 -32.75
N MET B 108 -4.84 5.13 -32.61
CA MET B 108 -4.46 4.32 -33.76
C MET B 108 -5.57 4.03 -34.71
N GLY B 109 -5.62 4.82 -35.79
CA GLY B 109 -6.66 4.65 -36.78
C GLY B 109 -6.84 5.98 -37.47
N ASN B 110 -7.88 6.13 -38.28
CA ASN B 110 -8.11 7.39 -38.96
C ASN B 110 -9.50 7.78 -38.56
N TYR B 111 -9.61 8.91 -37.88
CA TYR B 111 -10.89 9.33 -37.38
C TYR B 111 -11.59 10.45 -38.10
N MET B 112 -11.26 10.56 -39.39
CA MET B 112 -11.90 11.54 -40.25
C MET B 112 -13.41 11.23 -40.38
N ASN B 113 -13.75 9.95 -40.52
CA ASN B 113 -15.14 9.52 -40.71
C ASN B 113 -15.70 8.49 -39.74
N ARG B 114 -15.03 8.28 -38.61
CA ARG B 114 -15.51 7.29 -37.64
C ARG B 114 -14.89 7.63 -36.28
N VAL B 115 -15.52 7.19 -35.20
CA VAL B 115 -15.02 7.53 -33.87
C VAL B 115 -14.38 6.38 -33.15
N PRO B 116 -13.47 6.72 -32.21
CA PRO B 116 -12.84 5.67 -31.44
C PRO B 116 -13.99 5.18 -30.56
N PRO B 117 -13.97 3.91 -30.17
CA PRO B 117 -15.01 3.34 -29.32
C PRO B 117 -14.86 3.96 -27.94
N PRO B 118 -15.92 3.94 -27.13
CA PRO B 118 -15.83 4.51 -25.79
C PRO B 118 -14.61 3.96 -25.04
N ARG B 119 -14.30 2.67 -25.20
CA ARG B 119 -13.16 2.11 -24.46
C ARG B 119 -11.84 2.77 -24.81
N ALA B 120 -11.69 3.22 -26.05
CA ALA B 120 -10.47 3.90 -26.46
C ALA B 120 -10.49 5.30 -25.80
N LEU B 121 -11.64 5.97 -25.79
CA LEU B 121 -11.77 7.30 -25.16
C LEU B 121 -11.52 7.18 -23.65
N ARG B 122 -12.05 6.14 -23.02
CA ARG B 122 -11.83 5.90 -21.61
C ARG B 122 -10.35 5.66 -21.34
N ALA B 123 -9.70 4.91 -22.21
CA ALA B 123 -8.28 4.62 -22.00
C ALA B 123 -7.49 5.93 -22.02
N ALA B 124 -7.87 6.83 -22.92
CA ALA B 124 -7.18 8.10 -23.01
C ALA B 124 -7.38 8.90 -21.71
N GLN B 125 -8.59 8.95 -21.15
CA GLN B 125 -8.80 9.71 -19.91
C GLN B 125 -8.07 9.09 -18.72
N ASN B 126 -8.11 7.76 -18.62
CA ASN B 126 -7.40 7.01 -17.57
C ASN B 126 -5.92 7.43 -17.63
N LEU B 127 -5.38 7.50 -18.84
CA LEU B 127 -3.97 7.82 -19.01
C LEU B 127 -3.61 9.21 -18.49
N LEU B 128 -4.42 10.19 -18.86
CA LEU B 128 -4.18 11.55 -18.45
C LEU B 128 -4.33 11.71 -16.95
N ALA B 129 -5.39 11.11 -16.37
CA ALA B 129 -5.61 11.12 -14.91
C ALA B 129 -4.31 10.57 -14.27
N CYS B 130 -3.79 9.47 -14.81
CA CYS B 130 -2.56 8.86 -14.33
C CYS B 130 -1.36 9.82 -14.45
N GLY B 131 -1.28 10.56 -15.53
CA GLY B 131 -0.17 11.49 -15.67
C GLY B 131 -0.24 12.56 -14.58
N VAL B 132 -1.43 13.00 -14.25
CA VAL B 132 -1.52 13.99 -13.21
C VAL B 132 -1.06 13.37 -11.89
N ALA B 133 -1.57 12.18 -11.58
CA ALA B 133 -1.22 11.51 -10.32
C ALA B 133 0.25 11.30 -10.17
N LEU B 134 0.88 11.13 -11.32
CA LEU B 134 2.30 10.92 -11.39
C LEU B 134 3.11 12.18 -11.22
N GLY B 135 2.52 13.34 -11.50
CA GLY B 135 3.28 14.56 -11.44
C GLY B 135 3.84 14.85 -12.84
N ALA B 136 3.49 14.01 -13.83
CA ALA B 136 3.97 14.19 -15.22
C ALA B 136 3.26 15.32 -15.93
N LEU B 137 1.98 15.44 -15.65
CA LEU B 137 1.13 16.48 -16.21
C LEU B 137 0.61 17.34 -15.08
N ARG B 138 0.50 18.64 -15.31
CA ARG B 138 -0.01 19.46 -14.22
C ARG B 138 -1.50 19.18 -14.05
N SER B 139 -1.96 19.40 -12.82
CA SER B 139 -3.33 19.13 -12.49
C SER B 139 -4.31 19.74 -13.48
N ASN B 140 -4.07 21.00 -13.84
CA ASN B 140 -4.91 21.75 -14.76
C ASN B 140 -4.30 21.70 -16.16
N TYR B 141 -3.93 20.51 -16.63
CA TYR B 141 -3.33 20.39 -17.95
C TYR B 141 -4.35 20.80 -19.00
N GLU B 142 -3.85 21.18 -20.16
CA GLU B 142 -4.67 21.61 -21.26
C GLU B 142 -4.60 20.69 -22.44
N VAL B 143 -5.76 20.26 -22.94
CA VAL B 143 -5.77 19.38 -24.08
C VAL B 143 -5.97 20.17 -25.34
N LYS B 144 -5.16 19.85 -26.34
CA LYS B 144 -5.26 20.51 -27.62
C LYS B 144 -5.36 19.43 -28.67
N GLY B 145 -6.10 19.73 -29.73
CA GLY B 145 -6.17 18.80 -30.84
C GLY B 145 -4.91 19.06 -31.70
N HIS B 146 -4.37 18.04 -32.35
CA HIS B 146 -3.18 18.23 -33.20
C HIS B 146 -3.38 19.38 -34.23
N ARG B 147 -4.56 19.47 -34.83
CA ARG B 147 -4.83 20.50 -35.83
C ARG B 147 -4.85 21.90 -35.22
N ASP B 148 -4.98 21.97 -33.91
CA ASP B 148 -4.98 23.27 -33.25
C ASP B 148 -3.55 23.83 -33.15
N VAL B 149 -2.55 22.98 -33.33
CA VAL B 149 -1.17 23.45 -33.19
C VAL B 149 -0.27 23.24 -34.40
N GLN B 150 -0.76 22.52 -35.41
CA GLN B 150 -0.02 22.28 -36.64
C GLN B 150 -1.08 22.21 -37.71
N PRO B 151 -0.72 22.52 -38.97
CA PRO B 151 -1.66 22.48 -40.10
C PRO B 151 -1.86 21.02 -40.47
N THR B 152 -2.97 20.45 -40.03
CA THR B 152 -3.24 19.05 -40.28
C THR B 152 -4.69 18.75 -40.00
N LEU B 153 -5.16 17.64 -40.55
CA LEU B 153 -6.51 17.15 -40.35
C LEU B 153 -6.51 16.33 -39.02
N SER B 154 -5.36 15.79 -38.62
CA SER B 154 -5.29 15.03 -37.38
C SER B 154 -5.82 15.92 -36.21
N PRO B 155 -6.56 15.33 -35.23
CA PRO B 155 -6.85 13.90 -35.03
C PRO B 155 -8.04 13.31 -35.80
N GLY B 156 -8.40 13.88 -36.94
CA GLY B 156 -9.57 13.40 -37.67
C GLY B 156 -10.82 14.17 -37.24
N ASP B 157 -11.66 14.60 -38.19
CA ASP B 157 -12.84 15.38 -37.83
C ASP B 157 -13.66 14.86 -36.69
N ARG B 158 -13.97 13.56 -36.72
CA ARG B 158 -14.83 12.96 -35.70
C ARG B 158 -14.21 12.89 -34.31
N LEU B 159 -12.93 12.59 -34.22
CA LEU B 159 -12.26 12.53 -32.92
C LEU B 159 -12.01 13.97 -32.45
N TYR B 160 -11.73 14.87 -33.40
CA TYR B 160 -11.53 16.26 -33.04
C TYR B 160 -12.79 16.86 -32.35
N GLU B 161 -14.00 16.55 -32.84
CA GLU B 161 -15.19 17.10 -32.21
C GLU B 161 -15.35 16.55 -30.81
N ILE B 162 -15.00 15.28 -30.59
CA ILE B 162 -15.10 14.71 -29.25
C ILE B 162 -14.13 15.38 -28.29
N ILE B 163 -12.89 15.56 -28.70
CA ILE B 163 -11.98 16.12 -27.73
C ILE B 163 -12.35 17.54 -27.37
N GLN B 164 -12.98 18.26 -28.30
CA GLN B 164 -13.43 19.61 -28.00
C GLN B 164 -14.44 19.58 -26.84
N THR B 165 -14.98 18.42 -26.48
CA THR B 165 -15.96 18.38 -25.37
C THR B 165 -15.32 18.06 -24.01
N TRP B 166 -14.02 17.78 -24.01
CA TRP B 166 -13.31 17.42 -22.78
C TRP B 166 -13.12 18.61 -21.87
N SER B 167 -13.36 18.41 -20.58
CA SER B 167 -13.23 19.51 -19.65
C SER B 167 -11.87 20.18 -19.71
N HIS B 168 -10.82 19.40 -19.94
CA HIS B 168 -9.49 19.97 -20.02
C HIS B 168 -9.13 20.51 -21.39
N TYR B 169 -10.02 20.40 -22.38
CA TYR B 169 -9.71 20.91 -23.71
C TYR B 169 -9.68 22.44 -23.67
N ARG B 170 -8.76 23.06 -24.41
CA ARG B 170 -8.75 24.52 -24.50
C ARG B 170 -8.42 24.92 -25.93
N ALA B 171 -9.39 25.57 -26.58
CA ALA B 171 -9.27 25.97 -27.98
C ALA B 171 -8.05 26.82 -28.34
N GLU C 1 -11.28 -32.70 33.82
CA GLU C 1 -11.42 -33.53 32.58
C GLU C 1 -12.46 -32.96 31.61
N ASP C 2 -13.00 -31.78 31.94
CA ASP C 2 -14.05 -31.12 31.15
C ASP C 2 -14.02 -29.59 31.27
N PRO C 3 -14.59 -28.86 30.27
CA PRO C 3 -14.62 -27.39 30.22
C PRO C 3 -15.31 -26.70 31.42
N PRO C 4 -14.59 -25.78 32.10
CA PRO C 4 -15.08 -25.00 33.25
C PRO C 4 -15.47 -23.56 32.89
N ALA C 5 -15.08 -22.60 33.74
CA ALA C 5 -15.35 -21.17 33.54
C ALA C 5 -14.49 -20.26 34.42
N CYS C 6 -13.70 -19.40 33.77
CA CYS C 6 -12.93 -18.37 34.45
C CYS C 6 -13.38 -17.00 33.95
N GLY C 7 -12.44 -16.08 33.79
CA GLY C 7 -12.69 -14.83 33.08
C GLY C 7 -13.57 -13.80 33.75
N SER C 8 -12.93 -12.94 34.52
CA SER C 8 -13.56 -11.70 34.98
C SER C 8 -13.02 -10.62 34.04
N ILE C 9 -13.54 -10.62 32.82
CA ILE C 9 -13.05 -9.70 31.78
C ILE C 9 -14.17 -8.76 31.40
N VAL C 10 -13.83 -7.49 31.17
CA VAL C 10 -14.81 -6.51 30.76
C VAL C 10 -15.07 -6.71 29.25
N PRO C 11 -16.31 -7.07 28.87
CA PRO C 11 -16.65 -7.30 27.46
C PRO C 11 -16.50 -6.04 26.60
N ARG C 12 -16.13 -6.22 25.34
CA ARG C 12 -15.98 -5.09 24.45
C ARG C 12 -17.17 -4.15 24.49
N ARG C 13 -18.37 -4.72 24.40
CA ARG C 13 -19.60 -3.95 24.39
C ARG C 13 -19.69 -3.04 25.60
N GLU C 14 -19.18 -3.54 26.71
CA GLU C 14 -19.26 -2.81 27.95
C GLU C 14 -18.34 -1.61 27.96
N TRP C 15 -17.22 -1.73 27.26
CA TRP C 15 -16.34 -0.58 27.17
C TRP C 15 -16.66 0.19 25.90
N ARG C 16 -17.70 -0.25 25.20
CA ARG C 16 -18.19 0.40 24.01
C ARG C 16 -17.14 0.51 22.94
N ALA C 17 -16.57 -0.64 22.67
CA ALA C 17 -15.57 -0.79 21.65
C ALA C 17 -16.24 -0.64 20.29
N LEU C 18 -15.50 -0.11 19.33
CA LEU C 18 -16.01 -0.05 17.98
C LEU C 18 -15.90 -1.53 17.55
N ALA C 19 -16.75 -1.92 16.61
CA ALA C 19 -16.76 -3.28 16.09
C ALA C 19 -15.42 -3.62 15.45
N SER C 20 -14.97 -4.86 15.60
CA SER C 20 -13.71 -5.25 14.99
C SER C 20 -13.89 -5.67 13.54
N GLU C 21 -12.87 -5.37 12.75
CA GLU C 21 -12.85 -5.77 11.36
C GLU C 21 -11.80 -6.89 11.20
N CYS C 22 -11.18 -7.33 12.31
CA CYS C 22 -10.17 -8.38 12.23
C CYS C 22 -10.76 -9.76 12.13
N ARG C 23 -10.11 -10.62 11.37
CA ARG C 23 -10.63 -11.96 11.20
C ARG C 23 -9.63 -13.10 11.30
N GLU C 24 -8.33 -12.80 11.22
CA GLU C 24 -7.29 -13.83 11.29
C GLU C 24 -7.29 -14.45 12.65
N ARG C 25 -7.26 -15.76 12.69
CA ARG C 25 -7.32 -16.50 13.93
C ARG C 25 -6.01 -16.99 14.48
N LEU C 26 -5.90 -17.05 15.81
CA LEU C 26 -4.69 -17.57 16.46
C LEU C 26 -4.95 -19.07 16.59
N THR C 27 -3.90 -19.86 16.70
CA THR C 27 -4.03 -21.29 16.86
C THR C 27 -3.87 -21.67 18.34
N ARG C 28 -4.96 -22.10 19.00
CA ARG C 28 -4.85 -22.50 20.40
C ARG C 28 -4.46 -23.98 20.45
N PRO C 29 -3.66 -24.38 21.44
CA PRO C 29 -3.17 -23.52 22.52
C PRO C 29 -1.99 -22.66 22.10
N VAL C 30 -2.09 -21.37 22.42
CA VAL C 30 -1.07 -20.39 22.08
C VAL C 30 0.11 -20.57 23.05
N ARG C 31 1.31 -20.57 22.50
CA ARG C 31 2.47 -20.77 23.33
C ARG C 31 3.01 -19.54 24.03
N TYR C 32 2.86 -18.40 23.41
CA TYR C 32 3.47 -17.19 23.93
C TYR C 32 2.59 -16.08 24.39
N VAL C 33 3.06 -15.29 25.35
CA VAL C 33 2.30 -14.11 25.80
C VAL C 33 3.30 -12.96 25.77
N VAL C 34 2.95 -11.87 25.09
CA VAL C 34 3.85 -10.72 25.03
C VAL C 34 3.24 -9.59 25.83
N VAL C 35 3.99 -9.07 26.78
CA VAL C 35 3.52 -8.02 27.67
C VAL C 35 4.07 -6.69 27.24
N SER C 36 3.16 -5.76 27.01
CA SER C 36 3.50 -4.42 26.58
C SER C 36 2.83 -3.42 27.49
N HIS C 37 3.18 -2.15 27.31
CA HIS C 37 2.46 -1.11 28.01
C HIS C 37 1.97 -0.17 26.90
N THR C 38 0.90 0.57 27.14
CA THR C 38 0.37 1.45 26.10
C THR C 38 1.19 2.73 26.09
N ALA C 39 2.08 2.85 27.05
CA ALA C 39 2.94 4.04 27.20
C ALA C 39 2.16 5.34 27.39
N GLY C 40 0.82 5.23 27.45
CA GLY C 40 -0.05 6.39 27.62
C GLY C 40 -0.64 6.71 29.00
N SER C 41 -1.83 7.27 29.05
CA SER C 41 -2.34 7.57 30.37
C SER C 41 -2.91 6.33 31.01
N HIS C 42 -2.76 6.24 32.33
CA HIS C 42 -3.31 5.12 33.05
C HIS C 42 -4.68 5.57 33.57
N CYS C 43 -5.42 4.61 34.11
CA CYS C 43 -6.76 4.86 34.60
C CYS C 43 -6.93 3.94 35.81
N ASP C 44 -7.70 4.36 36.81
CA ASP C 44 -7.84 3.54 38.00
C ASP C 44 -9.26 3.36 38.45
N THR C 45 -10.17 3.48 37.51
CA THR C 45 -11.57 3.29 37.83
C THR C 45 -12.20 2.66 36.61
N PRO C 46 -13.26 1.86 36.79
CA PRO C 46 -13.88 1.23 35.62
C PRO C 46 -14.41 2.26 34.63
N ALA C 47 -14.85 3.41 35.12
CA ALA C 47 -15.39 4.43 34.21
C ALA C 47 -14.29 4.99 33.34
N SER C 48 -13.14 5.27 33.94
CA SER C 48 -12.02 5.86 33.23
C SER C 48 -11.24 4.82 32.45
N CYS C 49 -11.19 3.58 32.92
CA CYS C 49 -10.49 2.54 32.16
C CYS C 49 -11.34 2.10 30.94
N ALA C 50 -12.68 2.18 31.03
CA ALA C 50 -13.50 1.85 29.87
C ALA C 50 -13.21 2.94 28.79
N GLN C 51 -13.18 4.22 29.18
CA GLN C 51 -12.88 5.29 28.22
C GLN C 51 -11.42 5.16 27.72
N GLN C 52 -10.47 4.86 28.60
CA GLN C 52 -9.07 4.70 28.19
C GLN C 52 -8.96 3.59 27.13
N ALA C 53 -9.65 2.47 27.34
CA ALA C 53 -9.60 1.35 26.37
C ALA C 53 -10.16 1.89 25.05
N GLN C 54 -11.24 2.64 25.14
CA GLN C 54 -11.84 3.25 23.96
C GLN C 54 -10.80 4.15 23.27
N ASN C 55 -10.08 4.98 24.04
CA ASN C 55 -9.07 5.89 23.47
C ASN C 55 -7.94 5.16 22.78
N VAL C 56 -7.44 4.11 23.43
CA VAL C 56 -6.37 3.28 22.87
C VAL C 56 -6.91 2.64 21.57
N GLN C 57 -8.13 2.08 21.58
CA GLN C 57 -8.68 1.49 20.36
C GLN C 57 -8.87 2.55 19.26
N SER C 58 -9.25 3.75 19.68
CA SER C 58 -9.48 4.84 18.75
C SER C 58 -8.20 5.15 18.00
N TYR C 59 -7.12 5.22 18.74
CA TYR C 59 -5.83 5.47 18.14
C TYR C 59 -5.52 4.41 17.09
N HIS C 60 -5.67 3.14 17.44
CA HIS C 60 -5.33 2.07 16.51
C HIS C 60 -6.23 1.98 15.29
N VAL C 61 -7.53 2.18 15.52
CA VAL C 61 -8.51 2.08 14.46
C VAL C 61 -8.65 3.36 13.65
N ARG C 62 -8.78 4.48 14.34
CA ARG C 62 -8.97 5.74 13.63
C ARG C 62 -7.72 6.33 13.07
N ASN C 63 -6.64 6.34 13.84
CA ASN C 63 -5.40 6.94 13.38
C ASN C 63 -4.50 6.00 12.63
N LEU C 64 -4.33 4.80 13.16
CA LEU C 64 -3.46 3.87 12.47
C LEU C 64 -4.21 3.13 11.40
N GLY C 65 -5.54 3.27 11.40
CA GLY C 65 -6.41 2.62 10.43
C GLY C 65 -6.47 1.10 10.55
N TRP C 66 -6.27 0.57 11.75
CA TRP C 66 -6.29 -0.87 11.92
C TRP C 66 -7.65 -1.53 12.11
N CYS C 67 -7.74 -2.85 11.94
CA CYS C 67 -9.04 -3.53 12.09
C CYS C 67 -9.61 -3.50 13.51
N ASP C 68 -8.72 -3.34 14.48
CA ASP C 68 -9.14 -3.29 15.89
C ASP C 68 -7.95 -2.86 16.71
N VAL C 69 -8.20 -2.61 18.00
CA VAL C 69 -7.16 -2.26 18.95
C VAL C 69 -6.19 -3.45 18.74
N GLY C 70 -4.88 -3.22 18.77
CA GLY C 70 -3.96 -4.30 18.52
C GLY C 70 -3.77 -5.37 19.55
N TYR C 71 -4.11 -5.08 20.80
CA TYR C 71 -3.93 -6.03 21.89
C TYR C 71 -5.04 -7.04 22.04
N ASN C 72 -4.68 -8.24 22.51
CA ASN C 72 -5.66 -9.26 22.76
C ASN C 72 -6.44 -8.88 24.00
N PHE C 73 -5.76 -8.28 24.97
CA PHE C 73 -6.40 -7.84 26.20
C PHE C 73 -5.67 -6.65 26.74
N LEU C 74 -6.37 -5.77 27.44
CA LEU C 74 -5.73 -4.63 28.08
C LEU C 74 -5.95 -4.75 29.58
N ILE C 75 -4.95 -4.34 30.34
CA ILE C 75 -5.05 -4.39 31.79
C ILE C 75 -5.15 -2.98 32.37
N GLY C 76 -6.19 -2.73 33.15
CA GLY C 76 -6.32 -1.44 33.77
C GLY C 76 -5.80 -1.33 35.22
N GLU C 77 -5.55 -0.10 35.65
CA GLU C 77 -5.08 0.08 37.01
C GLU C 77 -6.26 -0.02 37.95
N ASP C 78 -7.46 -0.19 37.40
CA ASP C 78 -8.65 -0.37 38.22
C ASP C 78 -8.73 -1.88 38.61
N GLY C 79 -7.72 -2.65 38.18
CA GLY C 79 -7.68 -4.08 38.44
C GLY C 79 -8.57 -4.93 37.54
N LEU C 80 -9.05 -4.34 36.45
CA LEU C 80 -9.95 -5.04 35.54
C LEU C 80 -9.24 -5.28 34.22
N VAL C 81 -9.64 -6.36 33.53
CA VAL C 81 -9.09 -6.76 32.23
C VAL C 81 -10.11 -6.38 31.19
N TYR C 82 -9.64 -5.79 30.10
CA TYR C 82 -10.54 -5.35 29.03
C TYR C 82 -10.37 -6.21 27.83
N GLU C 83 -11.49 -6.67 27.29
CA GLU C 83 -11.42 -7.51 26.13
C GLU C 83 -10.95 -6.72 24.94
N GLY C 84 -9.88 -7.19 24.32
CA GLY C 84 -9.41 -6.58 23.08
C GLY C 84 -9.80 -7.59 21.98
N ARG C 85 -8.80 -8.04 21.22
CA ARG C 85 -9.09 -9.01 20.19
C ARG C 85 -9.43 -10.36 20.80
N GLY C 86 -9.14 -10.54 22.10
CA GLY C 86 -9.47 -11.78 22.76
C GLY C 86 -8.54 -12.95 22.52
N TRP C 87 -9.00 -14.13 22.91
CA TRP C 87 -8.18 -15.31 22.78
C TRP C 87 -7.99 -15.93 21.42
N ASN C 88 -8.89 -15.62 20.50
CA ASN C 88 -8.94 -16.30 19.23
C ASN C 88 -8.49 -15.61 18.00
N ILE C 89 -8.33 -14.30 18.12
CA ILE C 89 -7.99 -13.46 17.00
C ILE C 89 -6.58 -12.93 17.06
N LYS C 90 -5.86 -13.03 15.96
CA LYS C 90 -4.50 -12.55 15.95
C LYS C 90 -4.41 -11.07 16.25
N GLY C 91 -3.54 -10.69 17.17
CA GLY C 91 -3.42 -9.28 17.50
C GLY C 91 -2.37 -8.61 16.63
N ALA C 92 -2.11 -7.40 17.01
CA ALA C 92 -1.28 -6.46 16.26
C ALA C 92 -0.48 -5.75 17.34
N HIS C 93 0.50 -6.41 17.86
CA HIS C 93 1.20 -5.81 18.99
C HIS C 93 2.67 -6.13 19.11
N ALA C 94 3.17 -7.11 18.35
CA ALA C 94 4.56 -7.52 18.50
C ALA C 94 5.28 -7.85 17.19
N GLY C 95 4.64 -7.52 16.09
CA GLY C 95 5.26 -7.72 14.82
C GLY C 95 4.85 -8.99 14.15
N PRO C 96 5.24 -9.14 12.86
CA PRO C 96 4.88 -10.31 12.08
C PRO C 96 5.33 -11.69 12.51
N THR C 97 6.39 -11.77 13.27
CA THR C 97 6.87 -13.03 13.74
C THR C 97 6.11 -13.48 14.98
N TRP C 98 5.88 -12.52 15.87
CA TRP C 98 5.24 -12.83 17.13
C TRP C 98 3.73 -12.75 17.19
N ASN C 99 3.12 -11.91 16.38
CA ASN C 99 1.67 -11.83 16.41
C ASN C 99 0.92 -13.14 16.17
N PRO C 100 1.35 -13.95 15.18
CA PRO C 100 0.64 -15.22 14.91
C PRO C 100 0.76 -16.30 15.98
N ILE C 101 1.70 -16.13 16.89
CA ILE C 101 1.96 -17.14 17.89
C ILE C 101 1.89 -16.68 19.35
N SER C 102 1.34 -15.52 19.55
CA SER C 102 1.25 -14.95 20.90
C SER C 102 -0.08 -14.27 21.22
N ILE C 103 -0.35 -14.16 22.52
CA ILE C 103 -1.41 -13.31 23.04
C ILE C 103 -0.73 -12.05 23.55
N GLY C 104 -1.19 -10.89 23.07
CA GLY C 104 -0.60 -9.65 23.49
C GLY C 104 -1.46 -8.98 24.55
N ILE C 105 -0.90 -8.78 25.74
CA ILE C 105 -1.63 -8.08 26.78
C ILE C 105 -0.88 -6.79 27.06
N SER C 106 -1.63 -5.71 27.19
CA SER C 106 -1.04 -4.39 27.39
C SER C 106 -1.58 -3.70 28.62
N PHE C 107 -0.67 -3.25 29.48
CA PHE C 107 -1.05 -2.54 30.69
C PHE C 107 -1.26 -1.10 30.24
N MET C 108 -2.40 -0.51 30.62
CA MET C 108 -2.78 0.86 30.21
C MET C 108 -2.16 1.92 31.06
N GLY C 109 -1.15 2.58 30.50
CA GLY C 109 -0.41 3.62 31.18
C GLY C 109 1.07 3.54 30.75
N ASN C 110 1.96 4.23 31.47
CA ASN C 110 3.38 4.19 31.10
C ASN C 110 4.20 3.65 32.28
N TYR C 111 4.83 2.48 32.12
CA TYR C 111 5.57 1.92 33.25
C TYR C 111 7.09 2.04 33.29
N MET C 112 7.53 3.15 32.69
CA MET C 112 8.92 3.52 32.68
C MET C 112 9.22 3.97 34.13
N ASN C 113 8.41 4.83 34.72
CA ASN C 113 8.64 5.45 36.04
C ASN C 113 7.56 5.09 37.04
N ARG C 114 6.99 3.91 36.86
CA ARG C 114 5.84 3.45 37.63
C ARG C 114 5.75 1.95 37.55
N VAL C 115 5.32 1.32 38.64
CA VAL C 115 4.88 -0.06 38.59
C VAL C 115 3.36 -0.06 38.51
N PRO C 116 2.77 -1.03 37.78
CA PRO C 116 1.30 -1.07 37.82
C PRO C 116 0.95 -1.48 39.26
N PRO C 117 -0.25 -1.14 39.73
CA PRO C 117 -0.65 -1.49 41.09
C PRO C 117 -0.86 -2.98 41.27
N PRO C 118 -0.82 -3.42 42.51
CA PRO C 118 -1.00 -4.85 42.66
C PRO C 118 -2.22 -5.47 42.03
N ARG C 119 -3.31 -4.72 42.03
CA ARG C 119 -4.54 -5.22 41.44
C ARG C 119 -4.48 -5.41 39.93
N ALA C 120 -3.61 -4.64 39.26
CA ALA C 120 -3.45 -4.76 37.82
C ALA C 120 -2.58 -6.00 37.56
N LEU C 121 -1.56 -6.20 38.38
CA LEU C 121 -0.72 -7.38 38.22
C LEU C 121 -1.55 -8.62 38.50
N ARG C 122 -2.43 -8.57 39.50
CA ARG C 122 -3.25 -9.74 39.79
C ARG C 122 -4.20 -10.03 38.61
N ALA C 123 -4.75 -8.97 38.05
CA ALA C 123 -5.65 -9.08 36.90
C ALA C 123 -4.98 -9.81 35.74
N ALA C 124 -3.73 -9.41 35.44
CA ALA C 124 -2.97 -10.02 34.36
C ALA C 124 -2.71 -11.47 34.66
N GLN C 125 -2.23 -11.79 35.86
CA GLN C 125 -1.92 -13.18 36.21
C GLN C 125 -3.15 -14.07 36.18
N ASN C 126 -4.26 -13.55 36.70
CA ASN C 126 -5.51 -14.25 36.71
C ASN C 126 -5.99 -14.49 35.27
N LEU C 127 -5.73 -13.53 34.40
CA LEU C 127 -6.12 -13.68 33.01
C LEU C 127 -5.37 -14.79 32.33
N LEU C 128 -4.07 -14.87 32.59
CA LEU C 128 -3.27 -15.89 31.97
C LEU C 128 -3.64 -17.29 32.50
N ALA C 129 -3.91 -17.40 33.80
CA ALA C 129 -4.33 -18.68 34.36
C ALA C 129 -5.66 -19.10 33.72
N CYS C 130 -6.50 -18.12 33.50
CA CYS C 130 -7.78 -18.35 32.83
C CYS C 130 -7.57 -18.89 31.42
N GLY C 131 -6.58 -18.31 30.71
CA GLY C 131 -6.28 -18.74 29.35
C GLY C 131 -5.82 -20.19 29.38
N VAL C 132 -5.01 -20.58 30.36
CA VAL C 132 -4.59 -21.97 30.42
C VAL C 132 -5.83 -22.84 30.72
N ALA C 133 -6.66 -22.41 31.66
CA ALA C 133 -7.83 -23.17 32.01
C ALA C 133 -8.75 -23.42 30.83
N LEU C 134 -8.88 -22.41 29.97
CA LEU C 134 -9.71 -22.52 28.76
C LEU C 134 -9.06 -23.27 27.60
N GLY C 135 -7.78 -23.56 27.71
CA GLY C 135 -7.06 -24.21 26.63
C GLY C 135 -6.57 -23.20 25.60
N ALA C 136 -6.74 -21.90 25.88
CA ALA C 136 -6.30 -20.86 24.95
C ALA C 136 -4.80 -20.71 24.94
N LEU C 137 -4.21 -20.93 26.10
CA LEU C 137 -2.77 -20.87 26.28
C LEU C 137 -2.20 -22.25 26.64
N ARG C 138 -0.97 -22.53 26.23
CA ARG C 138 -0.33 -23.79 26.61
C ARG C 138 -0.11 -23.70 28.12
N SER C 139 -0.16 -24.83 28.85
CA SER C 139 0.04 -24.82 30.33
C SER C 139 1.37 -24.22 30.69
N ASN C 140 2.37 -24.44 29.85
CA ASN C 140 3.70 -23.90 30.06
C ASN C 140 4.02 -22.76 29.09
N TYR C 141 3.03 -21.88 28.89
CA TYR C 141 3.21 -20.73 28.01
C TYR C 141 4.43 -19.92 28.45
N GLU C 142 5.02 -19.19 27.51
CA GLU C 142 6.20 -18.39 27.83
C GLU C 142 5.82 -16.96 27.71
N VAL C 143 6.22 -16.17 28.70
CA VAL C 143 5.91 -14.75 28.69
C VAL C 143 7.13 -13.99 28.21
N LYS C 144 6.93 -13.07 27.29
CA LYS C 144 8.03 -12.22 26.78
C LYS C 144 7.68 -10.78 27.01
N GLY C 145 8.69 -9.96 27.21
CA GLY C 145 8.45 -8.54 27.33
C GLY C 145 8.44 -8.02 25.88
N HIS C 146 7.66 -6.98 25.61
CA HIS C 146 7.60 -6.44 24.25
C HIS C 146 9.01 -6.14 23.71
N ARG C 147 9.85 -5.60 24.58
CA ARG C 147 11.21 -5.20 24.21
C ARG C 147 12.13 -6.37 23.93
N ASP C 148 11.68 -7.55 24.28
CA ASP C 148 12.46 -8.74 24.01
C ASP C 148 12.24 -9.21 22.57
N VAL C 149 11.21 -8.68 21.90
CA VAL C 149 10.88 -9.16 20.55
C VAL C 149 10.74 -8.09 19.48
N GLN C 150 10.68 -6.83 19.93
CA GLN C 150 10.60 -5.64 19.06
C GLN C 150 11.44 -4.55 19.75
N PRO C 151 11.90 -3.54 18.97
CA PRO C 151 12.68 -2.46 19.57
C PRO C 151 11.70 -1.47 20.13
N THR C 152 11.71 -1.42 21.44
CA THR C 152 10.82 -0.55 22.14
C THR C 152 11.19 -0.52 23.62
N LEU C 153 10.73 0.52 24.30
CA LEU C 153 10.92 0.66 25.73
C LEU C 153 9.83 -0.20 26.42
N SER C 154 8.74 -0.43 25.71
CA SER C 154 7.61 -1.20 26.21
C SER C 154 8.12 -2.54 26.75
N PRO C 155 7.56 -3.04 27.89
CA PRO C 155 6.43 -2.53 28.69
C PRO C 155 6.82 -1.53 29.75
N GLY C 156 7.95 -0.84 29.58
CA GLY C 156 8.39 0.09 30.62
C GLY C 156 9.37 -0.64 31.56
N ASP C 157 10.45 0.05 31.98
CA ASP C 157 11.47 -0.51 32.87
C ASP C 157 10.95 -1.25 34.10
N ARG C 158 10.06 -0.57 34.84
CA ARG C 158 9.50 -1.13 36.05
C ARG C 158 8.73 -2.41 35.84
N LEU C 159 7.85 -2.40 34.84
CA LEU C 159 7.02 -3.57 34.53
C LEU C 159 7.89 -4.68 33.95
N TYR C 160 8.85 -4.28 33.12
CA TYR C 160 9.75 -5.24 32.52
C TYR C 160 10.50 -6.01 33.62
N GLU C 161 10.89 -5.30 34.67
CA GLU C 161 11.64 -5.88 35.78
C GLU C 161 10.77 -6.88 36.51
N ILE C 162 9.50 -6.54 36.62
CA ILE C 162 8.57 -7.41 37.28
C ILE C 162 8.33 -8.68 36.47
N ILE C 163 8.00 -8.57 35.19
CA ILE C 163 7.73 -9.79 34.47
C ILE C 163 8.93 -10.73 34.37
N GLN C 164 10.15 -10.19 34.39
CA GLN C 164 11.33 -11.05 34.32
C GLN C 164 11.38 -12.04 35.51
N THR C 165 10.67 -11.72 36.59
CA THR C 165 10.62 -12.62 37.76
C THR C 165 9.55 -13.74 37.66
N TRP C 166 8.64 -13.64 36.69
CA TRP C 166 7.56 -14.61 36.55
C TRP C 166 7.92 -16.00 36.20
N SER C 167 7.17 -16.92 36.81
CA SER C 167 7.36 -18.33 36.59
C SER C 167 7.45 -18.63 35.10
N HIS C 168 6.55 -18.04 34.33
CA HIS C 168 6.47 -18.27 32.90
C HIS C 168 7.36 -17.41 32.03
N TYR C 169 8.12 -16.51 32.60
CA TYR C 169 8.94 -15.69 31.74
C TYR C 169 10.02 -16.52 31.09
N ARG C 170 10.26 -16.29 29.81
CA ARG C 170 11.35 -17.02 29.18
C ARG C 170 12.14 -15.94 28.46
N ALA C 171 13.35 -15.72 28.97
CA ALA C 171 14.27 -14.70 28.48
C ALA C 171 14.24 -14.42 26.99
N GLU D 1 26.65 13.95 -14.70
CA GLU D 1 28.05 13.75 -15.19
C GLU D 1 29.10 14.15 -14.14
N ASP D 2 28.62 14.56 -12.96
CA ASP D 2 29.47 14.76 -11.79
C ASP D 2 29.21 13.61 -10.81
N PRO D 3 30.23 12.76 -10.58
CA PRO D 3 30.10 11.60 -9.67
C PRO D 3 29.64 11.93 -8.24
N PRO D 4 30.32 12.84 -7.51
CA PRO D 4 29.86 13.08 -6.14
C PRO D 4 28.58 13.91 -6.08
N ALA D 5 27.58 13.39 -5.37
CA ALA D 5 26.33 14.10 -5.13
C ALA D 5 25.92 13.88 -3.68
N CYS D 6 25.57 14.99 -3.01
CA CYS D 6 25.15 14.97 -1.60
C CYS D 6 26.03 14.06 -0.73
N GLY D 7 25.40 13.22 0.08
CA GLY D 7 26.14 12.25 0.90
C GLY D 7 26.68 12.83 2.18
N SER D 8 27.96 12.55 2.45
CA SER D 8 28.65 12.75 3.82
C SER D 8 27.83 12.00 4.88
N ILE D 9 27.86 10.68 4.76
CA ILE D 9 27.18 9.82 5.70
C ILE D 9 28.30 9.03 6.34
N VAL D 10 28.21 8.79 7.64
CA VAL D 10 29.22 8.01 8.30
C VAL D 10 28.96 6.57 7.85
N PRO D 11 29.91 5.96 7.14
CA PRO D 11 29.80 4.59 6.64
C PRO D 11 29.79 3.57 7.78
N ARG D 12 29.18 2.43 7.53
CA ARG D 12 29.07 1.37 8.55
C ARG D 12 30.39 1.05 9.20
N ARG D 13 31.34 0.66 8.35
CA ARG D 13 32.73 0.35 8.67
C ARG D 13 33.22 1.35 9.73
N GLU D 14 33.02 2.64 9.44
CA GLU D 14 33.48 3.72 10.30
C GLU D 14 32.83 3.70 11.69
N TRP D 15 31.53 3.39 11.81
CA TRP D 15 30.95 3.28 13.16
C TRP D 15 31.06 1.86 13.76
N ARG D 16 31.79 1.00 13.03
CA ARG D 16 32.15 -0.40 13.33
C ARG D 16 30.98 -1.31 13.50
N ALA D 17 30.25 -1.44 12.41
CA ALA D 17 29.04 -2.20 12.36
C ALA D 17 29.27 -3.63 12.08
N LEU D 18 28.42 -4.46 12.66
CA LEU D 18 28.53 -5.86 12.35
C LEU D 18 28.01 -5.90 10.93
N ALA D 19 28.59 -6.78 10.14
CA ALA D 19 28.19 -6.99 8.76
C ALA D 19 26.70 -7.28 8.70
N SER D 20 26.00 -6.60 7.82
CA SER D 20 24.59 -6.85 7.68
C SER D 20 24.37 -8.23 7.04
N GLU D 21 23.25 -8.84 7.36
CA GLU D 21 22.89 -10.09 6.73
C GLU D 21 21.56 -9.91 5.97
N CYS D 22 21.04 -8.67 5.90
CA CYS D 22 19.78 -8.41 5.17
C CYS D 22 19.97 -8.39 3.67
N ARG D 23 18.96 -8.86 2.94
CA ARG D 23 19.03 -8.96 1.50
C ARG D 23 17.73 -8.54 0.79
N GLU D 24 16.64 -8.33 1.55
CA GLU D 24 15.40 -7.89 0.91
C GLU D 24 15.58 -6.43 0.51
N ARG D 25 15.23 -6.10 -0.72
CA ARG D 25 15.44 -4.75 -1.19
C ARG D 25 14.21 -3.90 -1.27
N LEU D 26 14.43 -2.60 -1.26
CA LEU D 26 13.36 -1.62 -1.44
C LEU D 26 13.38 -1.34 -2.96
N THR D 27 12.30 -0.79 -3.49
CA THR D 27 12.23 -0.44 -4.91
C THR D 27 12.33 1.09 -5.04
N ARG D 28 13.41 1.61 -5.65
CA ARG D 28 13.51 3.05 -5.82
C ARG D 28 12.75 3.48 -7.07
N PRO D 29 12.25 4.73 -7.05
CA PRO D 29 12.30 5.69 -5.95
C PRO D 29 11.28 5.37 -4.86
N VAL D 30 11.71 5.49 -3.61
CA VAL D 30 10.89 5.18 -2.44
C VAL D 30 9.96 6.36 -2.17
N ARG D 31 8.71 6.06 -1.86
CA ARG D 31 7.73 7.11 -1.62
C ARG D 31 7.64 7.67 -0.23
N TYR D 32 7.94 6.86 0.76
CA TYR D 32 7.76 7.27 2.13
C TYR D 32 8.99 7.28 2.98
N VAL D 33 9.01 8.18 3.96
CA VAL D 33 10.08 8.25 4.93
C VAL D 33 9.39 8.19 6.28
N VAL D 34 9.78 7.29 7.18
CA VAL D 34 9.18 7.24 8.51
C VAL D 34 10.25 7.67 9.52
N VAL D 35 9.95 8.73 10.24
CA VAL D 35 10.87 9.29 11.22
C VAL D 35 10.55 8.77 12.61
N SER D 36 11.54 8.18 13.24
CA SER D 36 11.39 7.65 14.59
C SER D 36 12.48 8.22 15.47
N HIS D 37 12.40 7.88 16.76
CA HIS D 37 13.53 8.17 17.64
C HIS D 37 13.93 6.81 18.22
N THR D 38 15.17 6.68 18.66
CA THR D 38 15.61 5.41 19.22
C THR D 38 15.01 5.26 20.60
N ALA D 39 14.59 6.37 21.21
CA ALA D 39 13.93 6.41 22.53
C ALA D 39 14.83 6.26 23.74
N GLY D 40 16.11 6.11 23.47
CA GLY D 40 17.09 6.01 24.53
C GLY D 40 17.86 7.33 24.71
N SER D 41 19.16 7.18 24.86
CA SER D 41 20.01 8.33 25.05
C SER D 41 20.51 8.85 23.74
N HIS D 42 20.96 10.09 23.79
CA HIS D 42 21.52 10.74 22.64
C HIS D 42 23.06 10.70 22.74
N CYS D 43 23.69 11.37 21.77
CA CYS D 43 25.15 11.46 21.70
C CYS D 43 25.37 12.79 20.95
N ASP D 44 26.40 13.55 21.32
CA ASP D 44 26.56 14.87 20.71
C ASP D 44 27.91 15.27 20.23
N THR D 45 28.70 14.20 20.11
CA THR D 45 30.05 14.22 19.57
C THR D 45 30.17 13.02 18.65
N PRO D 46 30.99 13.11 17.57
CA PRO D 46 31.14 11.97 16.64
C PRO D 46 31.57 10.67 17.33
N ALA D 47 32.31 10.80 18.38
CA ALA D 47 32.77 9.66 19.15
C ALA D 47 31.62 8.95 19.86
N SER D 48 30.80 9.72 20.57
CA SER D 48 29.69 9.16 21.31
C SER D 48 28.63 8.60 20.36
N CYS D 49 28.32 9.37 19.32
CA CYS D 49 27.29 8.96 18.38
C CYS D 49 27.57 7.69 17.67
N ALA D 50 28.84 7.48 17.36
CA ALA D 50 29.24 6.24 16.68
C ALA D 50 29.13 5.01 17.61
N GLN D 51 29.30 5.24 18.91
CA GLN D 51 29.24 4.16 19.90
C GLN D 51 27.79 3.71 20.00
N GLN D 52 26.91 4.69 20.00
CA GLN D 52 25.49 4.50 20.08
C GLN D 52 24.97 3.72 18.87
N ALA D 53 25.42 4.06 17.67
CA ALA D 53 24.94 3.34 16.51
C ALA D 53 25.27 1.87 16.72
N GLN D 54 26.45 1.62 17.24
CA GLN D 54 26.84 0.25 17.47
C GLN D 54 25.91 -0.44 18.48
N ASN D 55 25.54 0.33 19.49
CA ASN D 55 24.68 -0.14 20.57
C ASN D 55 23.27 -0.43 20.07
N VAL D 56 22.71 0.45 19.26
CA VAL D 56 21.40 0.20 18.71
C VAL D 56 21.48 -1.04 17.83
N GLN D 57 22.51 -1.12 16.99
CA GLN D 57 22.62 -2.30 16.14
C GLN D 57 22.75 -3.60 16.96
N SER D 58 23.49 -3.52 18.05
CA SER D 58 23.72 -4.65 18.95
C SER D 58 22.37 -5.15 19.49
N TYR D 59 21.53 -4.24 19.97
CA TYR D 59 20.21 -4.62 20.45
C TYR D 59 19.41 -5.36 19.33
N HIS D 60 19.32 -4.76 18.14
CA HIS D 60 18.55 -5.38 17.06
C HIS D 60 19.10 -6.74 16.56
N VAL D 61 20.42 -6.83 16.37
CA VAL D 61 21.04 -8.06 15.88
C VAL D 61 21.29 -9.11 16.99
N ARG D 62 21.95 -8.72 18.08
CA ARG D 62 22.24 -9.67 19.16
C ARG D 62 21.01 -10.09 19.93
N ASN D 63 20.18 -9.13 20.31
CA ASN D 63 18.99 -9.45 21.08
C ASN D 63 17.77 -9.89 20.28
N LEU D 64 17.39 -9.07 19.30
CA LEU D 64 16.19 -9.38 18.55
C LEU D 64 16.36 -10.35 17.40
N GLY D 65 17.62 -10.72 17.14
CA GLY D 65 17.98 -11.70 16.10
C GLY D 65 17.80 -11.25 14.67
N TRP D 66 17.73 -9.95 14.52
CA TRP D 66 17.53 -9.29 13.23
C TRP D 66 18.75 -9.34 12.33
N CYS D 67 18.55 -9.22 11.02
CA CYS D 67 19.67 -9.30 10.08
C CYS D 67 20.63 -8.10 10.12
N ASP D 68 20.16 -6.98 10.65
CA ASP D 68 20.96 -5.75 10.80
C ASP D 68 20.14 -4.79 11.65
N VAL D 69 20.76 -3.68 12.05
CA VAL D 69 20.07 -2.62 12.76
C VAL D 69 18.81 -2.37 11.89
N GLY D 70 17.67 -2.07 12.49
CA GLY D 70 16.45 -1.90 11.71
C GLY D 70 16.25 -0.67 10.86
N TYR D 71 16.92 0.40 11.22
CA TYR D 71 16.77 1.65 10.50
C TYR D 71 17.62 1.76 9.28
N ASN D 72 17.13 2.51 8.29
CA ASN D 72 17.92 2.75 7.09
C ASN D 72 19.02 3.75 7.41
N PHE D 73 18.73 4.73 8.26
CA PHE D 73 19.74 5.70 8.69
C PHE D 73 19.43 6.17 10.11
N LEU D 74 20.48 6.60 10.80
CA LEU D 74 20.33 7.13 12.15
C LEU D 74 20.90 8.56 12.13
N ILE D 75 20.30 9.44 12.90
CA ILE D 75 20.73 10.84 12.97
C ILE D 75 21.34 11.13 14.33
N GLY D 76 22.62 11.45 14.36
CA GLY D 76 23.28 11.79 15.61
C GLY D 76 23.12 13.26 15.99
N GLU D 77 23.13 13.58 17.29
CA GLU D 77 23.03 14.99 17.70
C GLU D 77 24.36 15.70 17.46
N ASP D 78 25.32 14.92 16.99
CA ASP D 78 26.65 15.39 16.59
C ASP D 78 26.51 15.95 15.15
N GLY D 79 25.28 16.02 14.65
CA GLY D 79 25.03 16.57 13.32
C GLY D 79 25.38 15.71 12.13
N LEU D 80 25.73 14.47 12.42
CA LEU D 80 26.09 13.48 11.41
C LEU D 80 25.02 12.41 11.20
N VAL D 81 24.93 11.91 9.96
CA VAL D 81 24.01 10.84 9.59
C VAL D 81 24.84 9.56 9.62
N TYR D 82 24.26 8.50 10.19
CA TYR D 82 24.92 7.21 10.33
C TYR D 82 24.23 6.23 9.39
N GLU D 83 25.02 5.57 8.58
CA GLU D 83 24.52 4.61 7.62
C GLU D 83 23.95 3.36 8.28
N GLY D 84 22.69 3.05 8.02
CA GLY D 84 22.11 1.83 8.58
C GLY D 84 21.93 0.87 7.43
N ARG D 85 20.70 0.40 7.21
CA ARG D 85 20.45 -0.51 6.08
C ARG D 85 20.59 0.27 4.78
N GLY D 86 20.58 1.60 4.85
CA GLY D 86 20.76 2.40 3.65
C GLY D 86 19.58 2.65 2.76
N TRP D 87 19.85 3.13 1.56
CA TRP D 87 18.79 3.46 0.65
C TRP D 87 18.12 2.30 -0.04
N ASN D 88 18.80 1.17 -0.07
CA ASN D 88 18.32 0.08 -0.90
C ASN D 88 17.80 -1.16 -0.29
N ILE D 89 17.97 -1.25 1.01
CA ILE D 89 17.58 -2.43 1.74
C ILE D 89 16.40 -2.17 2.64
N LYS D 90 15.45 -3.08 2.60
CA LYS D 90 14.24 -2.94 3.41
C LYS D 90 14.58 -2.96 4.91
N GLY D 91 14.14 -1.92 5.63
CA GLY D 91 14.39 -1.84 7.05
C GLY D 91 13.33 -2.58 7.86
N ALA D 92 13.48 -2.51 9.17
CA ALA D 92 12.59 -3.16 10.12
C ALA D 92 12.47 -2.06 11.15
N HIS D 93 11.58 -1.11 10.91
CA HIS D 93 11.44 0.05 11.79
C HIS D 93 10.01 0.55 11.89
N ALA D 94 9.13 0.07 11.01
CA ALA D 94 7.74 0.53 10.99
C ALA D 94 6.71 -0.56 10.71
N GLY D 95 7.07 -1.81 10.94
CA GLY D 95 6.13 -2.88 10.69
C GLY D 95 6.04 -3.35 9.24
N PRO D 96 5.38 -4.51 9.03
CA PRO D 96 5.19 -5.18 7.74
C PRO D 96 4.51 -4.39 6.62
N THR D 97 3.71 -3.39 6.95
CA THR D 97 3.10 -2.60 5.89
C THR D 97 4.03 -1.53 5.36
N TRP D 98 4.67 -0.83 6.27
CA TRP D 98 5.52 0.29 5.90
C TRP D 98 6.96 0.01 5.54
N ASN D 99 7.53 -0.98 6.19
CA ASN D 99 8.91 -1.34 5.94
C ASN D 99 9.25 -1.52 4.48
N PRO D 100 8.43 -2.31 3.76
CA PRO D 100 8.77 -2.50 2.36
C PRO D 100 8.63 -1.34 1.40
N ILE D 101 8.07 -0.25 1.89
CA ILE D 101 7.81 0.90 1.05
C ILE D 101 8.33 2.22 1.63
N SER D 102 9.19 2.17 2.63
CA SER D 102 9.68 3.42 3.17
C SER D 102 11.14 3.31 3.57
N ILE D 103 11.68 4.47 3.90
CA ILE D 103 13.04 4.62 4.40
C ILE D 103 12.81 5.09 5.86
N GLY D 104 13.32 4.32 6.82
CA GLY D 104 13.20 4.71 8.22
C GLY D 104 14.44 5.45 8.73
N ILE D 105 14.25 6.70 9.14
CA ILE D 105 15.36 7.47 9.73
C ILE D 105 14.98 7.66 11.20
N SER D 106 15.96 7.40 12.04
CA SER D 106 15.77 7.44 13.46
C SER D 106 16.73 8.39 14.11
N PHE D 107 16.20 9.30 14.90
CA PHE D 107 17.09 10.20 15.61
C PHE D 107 17.55 9.47 16.87
N MET D 108 18.85 9.52 17.11
CA MET D 108 19.38 8.82 18.25
C MET D 108 19.21 9.55 19.54
N GLY D 109 18.13 9.22 20.21
CA GLY D 109 17.82 9.87 21.46
C GLY D 109 16.35 9.70 21.75
N ASN D 110 15.86 10.44 22.75
CA ASN D 110 14.46 10.37 23.15
C ASN D 110 13.99 11.81 23.11
N TYR D 111 13.11 12.13 22.16
CA TYR D 111 12.62 13.48 21.98
C TYR D 111 11.22 13.75 22.48
N MET D 112 10.87 13.13 23.60
CA MET D 112 9.55 13.39 24.14
C MET D 112 9.44 14.82 24.71
N ASN D 113 10.50 15.31 25.39
CA ASN D 113 10.55 16.67 25.99
C ASN D 113 11.92 17.36 25.79
N ARG D 114 12.61 16.94 24.74
CA ARG D 114 13.90 17.45 24.33
C ARG D 114 13.79 17.47 22.79
N VAL D 115 14.07 18.60 22.14
CA VAL D 115 14.04 18.63 20.65
C VAL D 115 15.48 18.41 20.16
N PRO D 116 15.67 17.78 18.96
CA PRO D 116 17.01 17.53 18.42
C PRO D 116 17.65 18.89 18.12
N PRO D 117 18.99 19.00 18.24
CA PRO D 117 19.57 20.32 17.97
C PRO D 117 19.55 20.66 16.47
N PRO D 118 19.64 21.95 16.13
CA PRO D 118 19.60 22.24 14.69
C PRO D 118 20.47 21.41 13.78
N ARG D 119 21.66 21.02 14.24
CA ARG D 119 22.52 20.25 13.36
C ARG D 119 22.00 18.87 13.13
N ALA D 120 21.11 18.40 13.99
CA ALA D 120 20.58 17.08 13.74
C ALA D 120 19.43 17.21 12.74
N LEU D 121 18.62 18.27 12.86
CA LEU D 121 17.51 18.52 11.93
C LEU D 121 18.12 18.78 10.56
N ARG D 122 19.27 19.46 10.50
CA ARG D 122 19.86 19.73 9.19
C ARG D 122 20.38 18.46 8.57
N ALA D 123 20.98 17.64 9.40
CA ALA D 123 21.51 16.38 8.94
C ALA D 123 20.39 15.61 8.29
N ALA D 124 19.28 15.50 9.02
CA ALA D 124 18.13 14.75 8.51
C ALA D 124 17.55 15.32 7.22
N GLN D 125 17.36 16.63 7.17
CA GLN D 125 16.79 17.24 5.98
C GLN D 125 17.69 17.12 4.75
N ASN D 126 18.99 17.21 4.98
CA ASN D 126 20.00 17.08 3.94
C ASN D 126 20.03 15.65 3.39
N LEU D 127 19.88 14.66 4.26
CA LEU D 127 19.89 13.26 3.85
C LEU D 127 18.71 13.02 2.92
N LEU D 128 17.57 13.58 3.26
CA LEU D 128 16.38 13.38 2.44
C LEU D 128 16.52 14.06 1.10
N ALA D 129 17.06 15.28 1.09
CA ALA D 129 17.28 16.00 -0.16
C ALA D 129 18.26 15.17 -0.99
N CYS D 130 19.22 14.61 -0.29
CA CYS D 130 20.20 13.72 -0.90
C CYS D 130 19.52 12.52 -1.56
N GLY D 131 18.58 11.92 -0.83
CA GLY D 131 17.81 10.81 -1.27
C GLY D 131 17.13 11.15 -2.57
N VAL D 132 16.50 12.30 -2.60
CA VAL D 132 15.82 12.72 -3.81
C VAL D 132 16.80 12.95 -4.96
N ALA D 133 17.90 13.66 -4.70
CA ALA D 133 18.90 13.94 -5.72
C ALA D 133 19.37 12.68 -6.38
N LEU D 134 19.50 11.64 -5.57
CA LEU D 134 19.99 10.35 -6.02
C LEU D 134 18.96 9.46 -6.67
N GLY D 135 17.71 9.89 -6.74
CA GLY D 135 16.74 8.97 -7.27
C GLY D 135 16.31 7.91 -6.21
N ALA D 136 16.93 7.89 -5.02
CA ALA D 136 16.54 6.92 -3.97
C ALA D 136 15.13 7.21 -3.40
N LEU D 137 14.73 8.48 -3.35
CA LEU D 137 13.37 8.84 -2.87
C LEU D 137 12.66 9.55 -4.01
N ARG D 138 11.33 9.48 -4.07
CA ARG D 138 10.59 10.22 -5.10
C ARG D 138 10.64 11.70 -4.72
N SER D 139 10.61 12.58 -5.72
CA SER D 139 10.64 14.02 -5.51
C SER D 139 9.47 14.44 -4.64
N ASN D 140 8.37 13.70 -4.72
CA ASN D 140 7.23 14.02 -3.87
C ASN D 140 7.03 12.97 -2.75
N TYR D 141 8.13 12.53 -2.14
CA TYR D 141 8.04 11.57 -1.04
C TYR D 141 7.25 12.18 0.12
N GLU D 142 6.70 11.34 0.97
CA GLU D 142 5.94 11.80 2.11
C GLU D 142 6.61 11.31 3.36
N VAL D 143 6.69 12.22 4.31
CA VAL D 143 7.26 11.91 5.58
C VAL D 143 6.11 11.61 6.54
N LYS D 144 6.25 10.57 7.35
CA LYS D 144 5.26 10.21 8.36
C LYS D 144 6.04 10.06 9.65
N GLY D 145 5.39 10.37 10.77
CA GLY D 145 6.03 10.17 12.04
C GLY D 145 5.78 8.70 12.31
N HIS D 146 6.64 8.08 13.12
CA HIS D 146 6.52 6.67 13.45
C HIS D 146 5.16 6.36 14.05
N ARG D 147 4.72 7.24 14.95
CA ARG D 147 3.46 7.10 15.67
C ARG D 147 2.26 7.25 14.73
N ASP D 148 2.50 7.70 13.50
CA ASP D 148 1.43 7.90 12.52
C ASP D 148 1.13 6.56 11.89
N VAL D 149 2.09 5.65 11.95
CA VAL D 149 1.93 4.36 11.33
C VAL D 149 2.04 3.15 12.23
N GLN D 150 2.50 3.35 13.46
CA GLN D 150 2.63 2.26 14.43
C GLN D 150 2.21 2.82 15.78
N PRO D 151 1.76 1.96 16.71
CA PRO D 151 1.35 2.46 18.03
C PRO D 151 2.66 2.70 18.79
N THR D 152 3.05 3.95 18.99
CA THR D 152 4.31 4.23 19.67
C THR D 152 4.33 5.71 19.98
N LEU D 153 5.15 6.11 20.94
CA LEU D 153 5.33 7.51 21.28
C LEU D 153 6.38 8.06 20.27
N SER D 154 7.13 7.18 19.65
CA SER D 154 8.18 7.56 18.66
C SER D 154 7.54 8.37 17.57
N PRO D 155 8.12 9.49 17.13
CA PRO D 155 9.47 9.96 17.41
C PRO D 155 9.61 10.95 18.56
N GLY D 156 8.65 11.05 19.46
CA GLY D 156 8.75 11.96 20.58
C GLY D 156 7.91 13.14 20.29
N ASP D 157 7.16 13.67 21.26
CA ASP D 157 6.25 14.78 20.96
C ASP D 157 6.98 15.95 20.35
N ARG D 158 8.18 16.22 20.88
CA ARG D 158 9.00 17.34 20.45
C ARG D 158 9.45 17.23 19.00
N LEU D 159 9.96 16.07 18.64
CA LEU D 159 10.41 15.84 17.27
C LEU D 159 9.16 15.68 16.38
N TYR D 160 8.13 15.00 16.86
CA TYR D 160 6.91 14.88 16.06
C TYR D 160 6.35 16.27 15.67
N GLU D 161 6.33 17.24 16.60
CA GLU D 161 5.81 18.59 16.32
C GLU D 161 6.60 19.23 15.18
N ILE D 162 7.91 19.06 15.21
CA ILE D 162 8.78 19.61 14.18
C ILE D 162 8.54 18.95 12.82
N ILE D 163 8.48 17.63 12.74
CA ILE D 163 8.30 17.05 11.40
C ILE D 163 6.96 17.36 10.77
N GLN D 164 5.93 17.61 11.57
CA GLN D 164 4.66 17.94 10.97
C GLN D 164 4.74 19.28 10.23
N THR D 165 5.80 20.07 10.42
CA THR D 165 5.92 21.34 9.68
C THR D 165 6.74 21.17 8.40
N TRP D 166 7.36 20.01 8.23
CA TRP D 166 8.18 19.76 7.06
C TRP D 166 7.39 19.76 5.78
N SER D 167 8.05 20.22 4.73
CA SER D 167 7.46 20.33 3.40
C SER D 167 6.81 19.05 2.94
N HIS D 168 7.48 17.94 3.21
CA HIS D 168 7.02 16.64 2.76
C HIS D 168 6.17 15.87 3.74
N TYR D 169 5.86 16.45 4.88
CA TYR D 169 5.07 15.72 5.84
C TYR D 169 3.64 15.56 5.38
N ARG D 170 3.07 14.38 5.62
CA ARG D 170 1.68 14.13 5.28
C ARG D 170 1.25 13.00 6.21
N ALA D 171 0.37 13.30 7.17
CA ALA D 171 -0.13 12.33 8.18
C ALA D 171 -0.92 11.19 7.58
#